data_8KDL
#
_entry.id   8KDL
#
_cell.length_a   67.277
_cell.length_b   74.017
_cell.length_c   74.843
_cell.angle_alpha   90.000
_cell.angle_beta   93.183
_cell.angle_gamma   90.000
#
_symmetry.space_group_name_H-M   'P 1 21 1'
#
loop_
_entity.id
_entity.type
_entity.pdbx_description
1 polymer 'Aminotransferase class I/II-fold pyridoxal phosphate-dependent enzyme'
2 non-polymer GLYCEROL
3 water water
#
_entity_poly.entity_id   1
_entity_poly.type   'polypeptide(L)'
_entity_poly.pdbx_seq_one_letter_code
;MTATASGAQTAAPERLTDDGWLIRRTSVDTVRPFDDPSAQWMLDRAQARLPLYLLHVADHAEATPPGLREALHAQDAAPC
DGLLFSQYGLPELRRRLDAWLAADEEWDTAAEPLVSVAWSGTGAAIFDLLRMLKDGRPGPSAVLLPRPGWGYDMSVRDTG
HVPVSYEVPPESPHGPDPAHLEEAWQRCRSEGLDVACILINPQHNPWGGNWTPEFLAAVAALAERERVPVLVDNAFYGLT
AEDVRPTSAVRLLGHLVGQELLVSVRSLS(LLP)QFACSGWALGAVAGSPGLVSAYSGRWRCLREPTAGFRAQAAMAAWL
GGAEPERFTRRRRSEATRHARLLRTTLRAAGLPDDAVLHHGGAPFTLLRPPGGSTVEEVREQTVVRHGVLLGLERDARER
PWFKVWLGRDSSVFEPAARALGDAAAEWRYRLEHHHHHHHH
;
_entity_poly.pdbx_strand_id   A,B
#
# COMPACT_ATOMS: atom_id res chain seq x y z
N LEU A 16 29.19 6.09 -5.10
CA LEU A 16 28.10 6.49 -5.99
C LEU A 16 28.05 8.01 -6.16
N THR A 17 28.45 8.47 -7.35
CA THR A 17 28.41 9.88 -7.71
C THR A 17 27.47 10.13 -8.88
N ASP A 18 26.74 9.12 -9.31
CA ASP A 18 25.67 9.32 -10.28
C ASP A 18 24.59 8.28 -9.97
N ASP A 19 23.59 8.19 -10.85
CA ASP A 19 22.40 7.40 -10.59
C ASP A 19 22.25 6.19 -11.52
N GLY A 20 23.22 5.93 -12.42
CA GLY A 20 23.08 4.84 -13.36
C GLY A 20 22.81 3.49 -12.70
N TRP A 21 23.47 3.25 -11.56
CA TRP A 21 23.29 2.02 -10.79
C TRP A 21 21.82 1.75 -10.47
N LEU A 22 21.05 2.81 -10.20
CA LEU A 22 19.65 2.64 -9.80
C LEU A 22 18.79 2.20 -10.97
N ILE A 23 19.06 2.74 -12.16
CA ILE A 23 18.33 2.35 -13.35
C ILE A 23 18.77 0.97 -13.85
N ARG A 24 20.07 0.67 -13.79
CA ARG A 24 20.50 -0.66 -14.20
C ARG A 24 19.91 -1.74 -13.31
N ARG A 25 19.74 -1.46 -12.01
CA ARG A 25 19.15 -2.47 -11.14
C ARG A 25 17.63 -2.48 -11.20
N THR A 26 16.98 -1.33 -11.30
CA THR A 26 15.54 -1.32 -11.09
C THR A 26 14.70 -1.10 -12.34
N SER A 27 15.33 -0.78 -13.48
CA SER A 27 14.58 -0.57 -14.71
C SER A 27 14.87 -1.60 -15.79
N VAL A 28 16.04 -2.23 -15.77
CA VAL A 28 16.43 -3.19 -16.80
C VAL A 28 15.68 -4.49 -16.57
N ASP A 29 14.92 -4.91 -17.59
CA ASP A 29 14.05 -6.06 -17.40
C ASP A 29 13.63 -6.51 -18.80
N THR A 30 12.97 -7.67 -18.86
CA THR A 30 12.49 -8.19 -20.13
C THR A 30 11.14 -7.62 -20.51
N VAL A 31 10.64 -6.67 -19.72
CA VAL A 31 9.45 -5.89 -20.04
C VAL A 31 9.83 -4.42 -19.95
N ARG A 32 9.09 -3.59 -20.69
CA ARG A 32 9.27 -2.16 -20.64
C ARG A 32 8.92 -1.66 -19.23
N PRO A 33 9.80 -0.91 -18.56
CA PRO A 33 9.52 -0.60 -17.15
C PRO A 33 8.39 0.39 -16.94
N PHE A 34 8.17 1.32 -17.86
CA PHE A 34 6.97 2.13 -17.95
C PHE A 34 7.03 2.83 -19.30
N ASP A 35 5.89 3.33 -19.76
CA ASP A 35 5.86 3.75 -21.16
C ASP A 35 6.13 5.24 -21.36
N ASP A 36 6.37 6.00 -20.30
CA ASP A 36 6.84 7.37 -20.46
C ASP A 36 8.14 7.38 -21.28
N PRO A 37 8.31 8.34 -22.20
CA PRO A 37 9.55 8.38 -22.99
C PRO A 37 10.81 8.50 -22.14
N SER A 38 10.72 9.08 -20.95
CA SER A 38 11.89 9.23 -20.11
C SER A 38 12.43 7.88 -19.63
N ALA A 39 11.61 6.83 -19.61
CA ALA A 39 12.11 5.51 -19.21
C ALA A 39 13.23 5.06 -20.14
N GLN A 40 13.06 5.26 -21.45
CA GLN A 40 14.06 4.82 -22.41
C GLN A 40 15.28 5.71 -22.38
N TRP A 41 15.11 7.03 -22.16
CA TRP A 41 16.27 7.92 -22.07
C TRP A 41 17.15 7.50 -20.92
N MET A 42 16.53 7.13 -19.80
CA MET A 42 17.21 6.74 -18.59
C MET A 42 17.93 5.40 -18.80
N LEU A 43 17.22 4.42 -19.39
CA LEU A 43 17.84 3.13 -19.70
C LEU A 43 19.05 3.28 -20.60
N ASP A 44 18.91 4.02 -21.70
CA ASP A 44 19.99 4.08 -22.68
C ASP A 44 21.24 4.68 -22.05
N ARG A 45 21.06 5.73 -21.27
CA ARG A 45 22.18 6.37 -20.60
C ARG A 45 22.79 5.44 -19.55
N ALA A 46 21.95 4.81 -18.73
CA ALA A 46 22.46 3.95 -17.68
C ALA A 46 23.12 2.70 -18.25
N GLN A 47 22.52 2.11 -19.29
CA GLN A 47 23.07 0.89 -19.84
C GLN A 47 24.38 1.15 -20.57
N ALA A 48 24.60 2.39 -21.03
CA ALA A 48 25.88 2.78 -21.59
C ALA A 48 26.92 3.06 -20.52
N ARG A 49 26.55 2.95 -19.24
CA ARG A 49 27.45 3.25 -18.13
C ARG A 49 28.06 4.64 -18.29
N LEU A 50 27.25 5.59 -18.74
CA LEU A 50 27.64 6.98 -18.71
C LEU A 50 26.93 7.66 -17.55
N PRO A 51 27.48 8.76 -17.02
CA PRO A 51 26.87 9.38 -15.84
C PRO A 51 25.42 9.78 -16.07
N LEU A 52 24.56 9.45 -15.11
CA LEU A 52 23.14 9.78 -15.17
C LEU A 52 22.79 10.48 -13.88
N TYR A 53 22.05 11.59 -13.97
CA TYR A 53 21.68 12.36 -12.79
C TYR A 53 20.17 12.55 -12.81
N LEU A 54 19.47 11.91 -11.87
CA LEU A 54 18.01 11.97 -11.83
C LEU A 54 17.62 13.13 -10.93
N LEU A 55 17.32 14.28 -11.53
CA LEU A 55 16.89 15.44 -10.77
C LEU A 55 15.43 15.77 -11.01
N HIS A 56 14.64 14.78 -11.42
CA HIS A 56 13.25 15.02 -11.76
C HIS A 56 12.26 14.45 -10.77
N VAL A 57 12.71 13.62 -9.84
CA VAL A 57 11.88 13.05 -8.77
C VAL A 57 12.55 13.33 -7.44
N ALA A 58 11.73 13.65 -6.44
CA ALA A 58 12.22 14.15 -5.14
C ALA A 58 12.55 13.00 -4.19
N ASP A 59 13.65 12.32 -4.49
CA ASP A 59 14.07 11.16 -3.71
C ASP A 59 15.54 11.34 -3.32
N HIS A 60 15.98 10.49 -2.41
CA HIS A 60 17.35 10.45 -1.87
C HIS A 60 17.81 8.99 -1.84
N ALA A 61 17.72 8.32 -3.00
CA ALA A 61 17.92 6.88 -3.09
C ALA A 61 19.36 6.48 -2.83
N GLU A 62 20.30 7.43 -2.90
CA GLU A 62 21.72 7.11 -2.80
C GLU A 62 22.13 6.69 -1.40
N ALA A 63 21.34 7.03 -0.38
CA ALA A 63 21.70 6.67 0.99
C ALA A 63 20.55 6.98 1.93
N THR A 64 20.46 6.15 2.99
CA THR A 64 19.62 6.40 4.14
C THR A 64 20.36 7.22 5.19
N PRO A 65 19.66 7.75 6.20
CA PRO A 65 20.34 8.54 7.24
C PRO A 65 21.15 7.63 8.15
N PRO A 66 22.19 8.15 8.79
CA PRO A 66 22.94 7.32 9.75
C PRO A 66 22.01 6.70 10.76
N GLY A 67 22.23 5.41 11.04
CA GLY A 67 21.52 4.70 12.09
C GLY A 67 20.24 4.03 11.66
N LEU A 68 19.68 4.40 10.51
CA LEU A 68 18.36 3.91 10.15
C LEU A 68 18.41 2.44 9.71
N ARG A 69 19.38 2.06 8.88
CA ARG A 69 19.51 0.65 8.51
C ARG A 69 19.87 -0.20 9.72
N GLU A 70 20.72 0.33 10.61
CA GLU A 70 21.03 -0.40 11.83
C GLU A 70 19.76 -0.66 12.65
N ALA A 71 18.80 0.27 12.63
CA ALA A 71 17.56 0.08 13.37
C ALA A 71 16.78 -1.11 12.84
N LEU A 72 16.81 -1.35 11.53
CA LEU A 72 16.16 -2.56 11.01
C LEU A 72 16.79 -3.82 11.57
N HIS A 73 18.12 -3.86 11.72
CA HIS A 73 18.78 -5.01 12.31
C HIS A 73 18.38 -5.21 13.76
N ALA A 74 18.34 -4.13 14.52
CA ALA A 74 18.06 -4.24 15.95
C ALA A 74 16.72 -4.89 16.20
N GLN A 75 15.78 -4.75 15.26
CA GLN A 75 14.46 -5.34 15.46
C GLN A 75 14.46 -6.87 15.36
N ASP A 76 15.60 -7.51 15.01
CA ASP A 76 15.66 -8.97 15.10
C ASP A 76 15.46 -9.49 16.52
N ALA A 77 15.57 -8.62 17.53
CA ALA A 77 15.50 -9.03 18.93
C ALA A 77 14.14 -9.61 19.32
N ALA A 78 13.09 -9.32 18.56
CA ALA A 78 11.77 -9.88 18.79
C ALA A 78 11.08 -10.09 17.46
N PRO A 79 10.13 -11.02 17.39
CA PRO A 79 9.41 -11.24 16.11
C PRO A 79 8.59 -10.01 15.74
N CYS A 80 8.84 -9.49 14.54
CA CYS A 80 8.26 -8.22 14.14
C CYS A 80 7.92 -8.17 12.66
N ASP A 81 7.56 -9.31 12.06
CA ASP A 81 7.20 -9.34 10.65
C ASP A 81 5.81 -9.90 10.41
N GLY A 82 5.00 -10.02 11.45
CA GLY A 82 3.59 -10.37 11.28
C GLY A 82 2.71 -9.13 11.12
N LEU A 83 1.41 -9.38 10.93
CA LEU A 83 0.44 -8.29 10.89
C LEU A 83 0.18 -7.71 12.29
N LEU A 84 -0.14 -6.42 12.32
CA LEU A 84 -0.44 -5.71 13.57
C LEU A 84 -1.91 -5.76 13.93
N PHE A 85 -2.20 -5.73 15.23
CA PHE A 85 -3.58 -5.69 15.68
C PHE A 85 -3.98 -4.29 16.13
N SER A 86 -3.77 -3.32 15.24
CA SER A 86 -4.27 -1.96 15.39
C SER A 86 -4.56 -1.40 14.01
N GLN A 87 -5.65 -0.65 13.89
CA GLN A 87 -5.95 0.00 12.62
C GLN A 87 -5.20 1.31 12.44
N TYR A 88 -4.41 1.72 13.45
CA TYR A 88 -3.70 2.99 13.45
C TYR A 88 -2.20 2.83 13.26
N GLY A 89 -1.72 1.61 13.09
CA GLY A 89 -0.30 1.34 13.01
C GLY A 89 0.28 0.93 14.36
N LEU A 90 1.57 0.68 14.34
CA LEU A 90 2.27 0.23 15.54
C LEU A 90 2.24 1.30 16.62
N PRO A 91 1.69 1.02 17.81
CA PRO A 91 1.56 2.08 18.82
C PRO A 91 2.87 2.80 19.11
N GLU A 92 4.02 2.10 19.15
CA GLU A 92 5.26 2.79 19.54
C GLU A 92 5.65 3.84 18.49
N LEU A 93 5.35 3.58 17.22
CA LEU A 93 5.54 4.60 16.18
C LEU A 93 4.48 5.69 16.26
N ARG A 94 3.20 5.28 16.39
CA ARG A 94 2.10 6.26 16.37
C ARG A 94 2.27 7.29 17.50
N ARG A 95 2.55 6.81 18.71
CA ARG A 95 2.86 7.65 19.85
C ARG A 95 4.05 8.59 19.57
N ARG A 96 5.12 8.06 18.97
CA ARG A 96 6.28 8.86 18.61
C ARG A 96 5.91 9.98 17.64
N LEU A 97 5.10 9.66 16.63
CA LEU A 97 4.77 10.65 15.61
C LEU A 97 3.86 11.73 16.18
N ASP A 98 2.96 11.35 17.08
CA ASP A 98 2.06 12.32 17.71
C ASP A 98 2.86 13.40 18.42
N ALA A 99 3.82 12.99 19.27
CA ALA A 99 4.63 13.97 19.98
C ALA A 99 5.51 14.76 19.02
N TRP A 100 6.16 14.06 18.09
CA TRP A 100 7.11 14.68 17.18
C TRP A 100 6.44 15.71 16.28
N LEU A 101 5.29 15.36 15.69
CA LEU A 101 4.60 16.28 14.79
C LEU A 101 4.08 17.50 15.53
N ALA A 102 3.49 17.29 16.71
CA ALA A 102 2.97 18.42 17.50
C ALA A 102 4.07 19.43 17.79
N ALA A 103 5.29 18.96 18.08
CA ALA A 103 6.40 19.86 18.38
C ALA A 103 6.95 20.48 17.09
N ASP A 104 7.18 19.65 16.08
CA ASP A 104 7.84 20.10 14.86
C ASP A 104 6.99 21.14 14.12
N GLU A 105 5.68 20.92 14.06
CA GLU A 105 4.74 21.80 13.37
C GLU A 105 4.07 22.81 14.30
N GLU A 106 4.41 22.78 15.60
CA GLU A 106 3.90 23.74 16.57
C GLU A 106 2.36 23.75 16.57
N TRP A 107 1.78 22.57 16.69
CA TRP A 107 0.33 22.43 16.68
C TRP A 107 -0.30 23.23 17.82
N ASP A 108 -1.55 23.65 17.60
CA ASP A 108 -2.34 24.35 18.61
C ASP A 108 -2.62 23.41 19.78
N THR A 109 -2.11 23.75 20.96
CA THR A 109 -2.28 22.87 22.11
C THR A 109 -3.74 22.77 22.56
N ALA A 110 -4.63 23.65 22.10
CA ALA A 110 -6.04 23.55 22.43
C ALA A 110 -6.80 22.61 21.50
N ALA A 111 -6.21 22.22 20.38
CA ALA A 111 -6.87 21.25 19.52
C ALA A 111 -6.57 19.84 20.02
N GLU A 112 -7.45 18.90 19.67
CA GLU A 112 -7.37 17.52 20.13
C GLU A 112 -7.37 16.60 18.91
N PRO A 113 -6.26 16.55 18.19
CA PRO A 113 -6.20 15.74 16.97
C PRO A 113 -5.96 14.26 17.30
N LEU A 114 -6.19 13.44 16.29
CA LEU A 114 -5.82 12.03 16.31
C LEU A 114 -4.75 11.81 15.25
N VAL A 115 -3.74 10.99 15.58
CA VAL A 115 -2.64 10.70 14.67
C VAL A 115 -2.65 9.22 14.36
N SER A 116 -2.46 8.89 13.08
CA SER A 116 -2.50 7.51 12.57
C SER A 116 -1.31 7.31 11.64
N VAL A 117 -0.77 6.07 11.61
CA VAL A 117 0.34 5.76 10.70
C VAL A 117 -0.23 5.39 9.33
N ALA A 118 0.39 5.92 8.28
CA ALA A 118 0.21 5.43 6.91
C ALA A 118 1.46 4.65 6.54
N TRP A 119 1.28 3.46 5.93
CA TRP A 119 2.40 2.57 5.66
C TRP A 119 2.48 2.13 4.20
N SER A 120 1.76 2.78 3.30
CA SER A 120 1.89 2.39 1.90
C SER A 120 2.02 3.61 0.98
N GLY A 121 2.30 4.78 1.55
CA GLY A 121 2.47 6.01 0.78
C GLY A 121 1.45 7.08 1.12
N THR A 122 1.88 8.35 1.22
CA THR A 122 0.87 9.36 1.53
C THR A 122 0.03 9.73 0.33
N GLY A 123 0.50 9.47 -0.90
CA GLY A 123 -0.38 9.57 -2.05
C GLY A 123 -1.54 8.59 -1.96
N ALA A 124 -1.26 7.38 -1.43
CA ALA A 124 -2.33 6.41 -1.22
C ALA A 124 -3.25 6.81 -0.07
N ALA A 125 -2.69 7.42 0.97
CA ALA A 125 -3.55 7.92 2.04
C ALA A 125 -4.48 9.01 1.51
N ILE A 126 -3.97 9.89 0.63
CA ILE A 126 -4.83 10.90 0.02
C ILE A 126 -5.96 10.25 -0.76
N PHE A 127 -5.63 9.19 -1.52
CA PHE A 127 -6.65 8.45 -2.26
C PHE A 127 -7.73 7.92 -1.33
N ASP A 128 -7.34 7.28 -0.22
CA ASP A 128 -8.35 6.75 0.69
C ASP A 128 -9.16 7.87 1.33
N LEU A 129 -8.51 8.98 1.69
CA LEU A 129 -9.24 10.12 2.24
C LEU A 129 -10.25 10.67 1.24
N LEU A 130 -9.85 10.78 -0.03
CA LEU A 130 -10.76 11.34 -1.02
C LEU A 130 -11.93 10.40 -1.31
N ARG A 131 -11.69 9.08 -1.34
CA ARG A 131 -12.83 8.19 -1.54
C ARG A 131 -13.73 8.16 -0.31
N MET A 132 -13.17 8.35 0.89
CA MET A 132 -14.02 8.47 2.07
C MET A 132 -14.93 9.68 1.95
N LEU A 133 -14.41 10.78 1.44
CA LEU A 133 -15.22 11.98 1.27
C LEU A 133 -16.21 11.89 0.11
N LYS A 134 -16.09 10.89 -0.77
CA LYS A 134 -17.11 10.69 -1.80
C LYS A 134 -18.31 9.92 -1.27
N ASP A 135 -18.11 9.15 -0.20
CA ASP A 135 -19.17 8.31 0.34
C ASP A 135 -20.41 9.14 0.71
N GLY A 136 -21.57 8.66 0.29
CA GLY A 136 -22.83 9.34 0.54
C GLY A 136 -23.11 10.53 -0.35
N ARG A 137 -22.32 10.75 -1.39
CA ARG A 137 -22.47 11.90 -2.29
C ARG A 137 -22.83 11.41 -3.69
N PRO A 138 -24.10 11.14 -3.96
CA PRO A 138 -24.49 10.84 -5.35
C PRO A 138 -24.19 11.98 -6.31
N GLY A 139 -24.39 13.23 -5.87
CA GLY A 139 -24.26 14.36 -6.75
C GLY A 139 -22.83 14.57 -7.22
N PRO A 140 -22.67 15.16 -8.41
CA PRO A 140 -21.32 15.50 -8.87
C PRO A 140 -20.61 16.35 -7.84
N SER A 141 -19.35 16.01 -7.57
CA SER A 141 -18.59 16.68 -6.54
C SER A 141 -17.23 17.09 -7.09
N ALA A 142 -16.63 18.10 -6.45
CA ALA A 142 -15.34 18.62 -6.86
C ALA A 142 -14.35 18.54 -5.70
N VAL A 143 -13.07 18.47 -6.04
CA VAL A 143 -11.99 18.68 -5.08
C VAL A 143 -11.19 19.88 -5.58
N LEU A 144 -11.02 20.89 -4.73
CA LEU A 144 -10.13 22.00 -5.07
C LEU A 144 -8.70 21.58 -4.78
N LEU A 145 -7.81 21.77 -5.75
CA LEU A 145 -6.45 21.30 -5.65
C LEU A 145 -5.55 22.29 -6.37
N PRO A 146 -4.28 22.36 -6.00
CA PRO A 146 -3.38 23.25 -6.73
C PRO A 146 -3.03 22.68 -8.10
N ARG A 147 -2.86 23.59 -9.06
CA ARG A 147 -2.26 23.23 -10.35
C ARG A 147 -1.04 24.12 -10.57
N PRO A 148 0.16 23.54 -10.77
CA PRO A 148 0.35 22.09 -10.76
C PRO A 148 0.38 21.49 -9.36
N GLY A 149 0.14 20.18 -9.27
CA GLY A 149 0.19 19.46 -8.01
C GLY A 149 0.97 18.17 -8.19
N TRP A 150 1.22 17.51 -7.06
CA TRP A 150 1.96 16.25 -7.07
C TRP A 150 0.95 15.11 -7.17
N GLY A 151 0.54 14.82 -8.40
CA GLY A 151 -0.28 13.64 -8.67
C GLY A 151 -1.65 13.54 -8.04
N TYR A 152 -2.13 14.63 -7.43
CA TYR A 152 -3.44 14.59 -6.80
C TYR A 152 -4.56 14.38 -7.81
N ASP A 153 -4.37 14.88 -9.03
CA ASP A 153 -5.45 14.95 -10.00
C ASP A 153 -6.05 13.57 -10.27
N MET A 154 -5.21 12.56 -10.49
CA MET A 154 -5.77 11.25 -10.80
C MET A 154 -6.45 10.60 -9.60
N SER A 155 -5.97 10.86 -8.38
CA SER A 155 -6.70 10.36 -7.22
C SER A 155 -8.08 10.99 -7.11
N VAL A 156 -8.16 12.30 -7.39
CA VAL A 156 -9.47 12.97 -7.39
C VAL A 156 -10.40 12.28 -8.38
N ARG A 157 -9.94 12.12 -9.63
CA ARG A 157 -10.79 11.51 -10.66
C ARG A 157 -11.15 10.07 -10.30
N ASP A 158 -10.17 9.29 -9.84
CA ASP A 158 -10.41 7.86 -9.63
C ASP A 158 -11.29 7.60 -8.41
N THR A 159 -11.44 8.58 -7.51
CA THR A 159 -12.32 8.42 -6.37
C THR A 159 -13.69 9.06 -6.59
N GLY A 160 -13.98 9.49 -7.81
CA GLY A 160 -15.33 9.91 -8.16
C GLY A 160 -15.59 11.40 -8.13
N HIS A 161 -14.56 12.24 -7.95
CA HIS A 161 -14.71 13.69 -7.92
C HIS A 161 -14.21 14.31 -9.22
N VAL A 162 -14.57 15.58 -9.41
CA VAL A 162 -14.09 16.40 -10.52
C VAL A 162 -12.94 17.27 -10.00
N PRO A 163 -11.76 17.21 -10.60
CA PRO A 163 -10.68 18.12 -10.17
C PRO A 163 -10.95 19.54 -10.67
N VAL A 164 -11.01 20.48 -9.73
CA VAL A 164 -11.18 21.90 -10.04
C VAL A 164 -9.98 22.62 -9.43
N SER A 165 -9.04 23.03 -10.26
CA SER A 165 -7.76 23.49 -9.71
C SER A 165 -7.73 24.99 -9.51
N TYR A 166 -6.99 25.41 -8.50
CA TYR A 166 -6.61 26.80 -8.34
C TYR A 166 -5.18 26.98 -8.81
N GLU A 167 -4.95 28.09 -9.52
CA GLU A 167 -3.64 28.38 -10.09
C GLU A 167 -2.60 28.66 -9.00
N VAL A 168 -1.42 28.07 -9.13
CA VAL A 168 -0.25 28.46 -8.35
C VAL A 168 0.82 28.92 -9.32
N PRO A 169 1.09 30.22 -9.41
CA PRO A 169 2.11 30.72 -10.36
C PRO A 169 3.51 30.29 -9.96
N PRO A 170 4.33 29.83 -10.91
CA PRO A 170 5.71 29.45 -10.57
C PRO A 170 6.54 30.62 -10.08
N GLU A 171 6.21 31.84 -10.50
CA GLU A 171 7.03 33.00 -10.15
C GLU A 171 6.85 33.44 -8.70
N SER A 172 5.76 33.04 -8.06
CA SER A 172 5.44 33.54 -6.71
C SER A 172 6.22 32.80 -5.64
N PRO A 173 7.09 33.48 -4.88
CA PRO A 173 7.79 32.75 -3.80
C PRO A 173 6.86 32.31 -2.68
N HIS A 174 5.61 32.79 -2.65
CA HIS A 174 4.66 32.36 -1.63
C HIS A 174 3.50 31.57 -2.20
N GLY A 175 3.58 31.12 -3.45
CA GLY A 175 2.51 30.32 -4.00
C GLY A 175 1.28 31.15 -4.33
N PRO A 176 0.10 30.58 -4.10
CA PRO A 176 -1.14 31.23 -4.55
C PRO A 176 -1.59 32.35 -3.63
N ASP A 177 -2.51 33.16 -4.13
CA ASP A 177 -3.20 34.19 -3.38
C ASP A 177 -4.68 33.85 -3.24
N PRO A 178 -5.39 34.51 -2.34
CA PRO A 178 -6.82 34.18 -2.20
C PRO A 178 -7.61 34.31 -3.49
N ALA A 179 -7.25 35.24 -4.38
CA ALA A 179 -7.97 35.34 -5.65
C ALA A 179 -7.90 34.05 -6.45
N HIS A 180 -6.78 33.32 -6.37
CA HIS A 180 -6.70 32.06 -7.12
C HIS A 180 -7.68 31.05 -6.57
N LEU A 181 -7.79 30.97 -5.24
CA LEU A 181 -8.76 30.06 -4.64
C LEU A 181 -10.18 30.45 -5.03
N GLU A 182 -10.49 31.75 -4.97
CA GLU A 182 -11.84 32.20 -5.29
C GLU A 182 -12.21 31.88 -6.73
N GLU A 183 -11.27 32.03 -7.67
CA GLU A 183 -11.58 31.74 -9.06
C GLU A 183 -11.95 30.28 -9.24
N ALA A 184 -11.25 29.39 -8.54
CA ALA A 184 -11.58 27.96 -8.59
C ALA A 184 -12.94 27.68 -7.96
N TRP A 185 -13.22 28.30 -6.81
CA TRP A 185 -14.52 28.12 -6.16
C TRP A 185 -15.65 28.60 -7.06
N GLN A 186 -15.45 29.72 -7.75
CA GLN A 186 -16.50 30.20 -8.66
C GLN A 186 -16.73 29.24 -9.83
N ARG A 187 -15.69 28.52 -10.28
CA ARG A 187 -15.94 27.52 -11.32
C ARG A 187 -16.78 26.35 -10.78
N CYS A 188 -16.59 25.99 -9.50
CA CYS A 188 -17.47 25.00 -8.89
C CYS A 188 -18.90 25.49 -8.86
N ARG A 189 -19.09 26.74 -8.47
CA ARG A 189 -20.43 27.32 -8.39
C ARG A 189 -21.13 27.28 -9.74
N SER A 190 -20.46 27.76 -10.79
CA SER A 190 -21.09 27.83 -12.11
C SER A 190 -21.31 26.44 -12.71
N GLU A 191 -20.49 25.44 -12.35
CA GLU A 191 -20.68 24.09 -12.85
C GLU A 191 -21.64 23.26 -12.01
N GLY A 192 -22.11 23.79 -10.88
CA GLY A 192 -22.97 22.99 -10.01
C GLY A 192 -22.28 21.83 -9.33
N LEU A 193 -20.98 21.94 -9.07
CA LEU A 193 -20.22 20.89 -8.40
C LEU A 193 -20.15 21.14 -6.90
N ASP A 194 -20.57 20.15 -6.11
CA ASP A 194 -20.47 20.24 -4.67
C ASP A 194 -19.03 20.00 -4.23
N VAL A 195 -18.46 20.93 -3.47
CA VAL A 195 -17.05 20.81 -3.10
C VAL A 195 -16.92 19.82 -1.94
N ALA A 196 -16.11 18.78 -2.14
CA ALA A 196 -15.92 17.74 -1.15
C ALA A 196 -14.67 17.94 -0.29
N CYS A 197 -13.68 18.67 -0.79
CA CYS A 197 -12.37 18.76 -0.15
C CYS A 197 -11.62 19.94 -0.74
N ILE A 198 -10.83 20.62 0.09
CA ILE A 198 -9.86 21.62 -0.38
C ILE A 198 -8.49 21.08 -0.01
N LEU A 199 -7.68 20.76 -1.01
CA LEU A 199 -6.36 20.19 -0.81
C LEU A 199 -5.31 21.28 -0.98
N ILE A 200 -4.35 21.37 -0.04
CA ILE A 200 -3.31 22.39 -0.07
C ILE A 200 -1.96 21.72 0.20
N ASN A 201 -0.90 22.40 -0.21
CA ASN A 201 0.46 21.86 -0.15
C ASN A 201 1.39 23.02 0.16
N PRO A 202 1.42 23.48 1.42
CA PRO A 202 2.05 24.79 1.73
C PRO A 202 3.53 24.88 1.44
N GLN A 203 4.28 23.78 1.51
CA GLN A 203 5.66 23.73 1.07
C GLN A 203 5.62 22.94 -0.23
N HIS A 204 5.49 23.67 -1.34
CA HIS A 204 4.81 23.16 -2.53
C HIS A 204 5.76 22.40 -3.44
N ASN A 205 5.33 21.20 -3.86
CA ASN A 205 5.94 20.46 -4.95
C ASN A 205 5.03 20.65 -6.16
N PRO A 206 5.49 21.20 -7.29
CA PRO A 206 6.89 21.41 -7.72
C PRO A 206 7.52 22.78 -7.57
N TRP A 207 6.75 23.85 -7.25
CA TRP A 207 7.33 25.17 -7.41
C TRP A 207 8.23 25.58 -6.24
N GLY A 208 8.05 24.98 -5.07
CA GLY A 208 8.84 25.34 -3.91
C GLY A 208 8.44 26.64 -3.24
N GLY A 209 7.26 27.17 -3.54
CA GLY A 209 6.74 28.26 -2.72
C GLY A 209 6.49 27.84 -1.28
N ASN A 210 6.43 28.85 -0.41
CA ASN A 210 6.09 28.71 1.01
C ASN A 210 4.81 29.52 1.23
N TRP A 211 3.67 28.83 1.38
CA TRP A 211 2.38 29.50 1.25
C TRP A 211 2.10 30.36 2.50
N THR A 212 1.14 31.28 2.36
CA THR A 212 1.05 32.37 3.32
C THR A 212 -0.05 32.16 4.35
N PRO A 213 0.09 32.79 5.52
CA PRO A 213 -1.06 32.83 6.43
C PRO A 213 -2.28 33.44 5.78
N GLU A 214 -2.08 34.43 4.89
CA GLU A 214 -3.20 35.02 4.17
C GLU A 214 -3.98 33.96 3.40
N PHE A 215 -3.27 33.17 2.60
CA PHE A 215 -3.94 32.16 1.78
C PHE A 215 -4.59 31.11 2.67
N LEU A 216 -3.88 30.68 3.72
CA LEU A 216 -4.45 29.69 4.62
C LEU A 216 -5.72 30.23 5.30
N ALA A 217 -5.75 31.53 5.61
CA ALA A 217 -6.96 32.10 6.21
C ALA A 217 -8.12 32.06 5.22
N ALA A 218 -7.86 32.32 3.94
CA ALA A 218 -8.92 32.24 2.94
C ALA A 218 -9.42 30.81 2.80
N VAL A 219 -8.51 29.84 2.86
CA VAL A 219 -8.87 28.43 2.82
C VAL A 219 -9.75 28.07 4.00
N ALA A 220 -9.36 28.51 5.20
CA ALA A 220 -10.14 28.22 6.40
C ALA A 220 -11.52 28.86 6.33
N ALA A 221 -11.61 30.08 5.81
CA ALA A 221 -12.90 30.75 5.73
C ALA A 221 -13.83 30.00 4.78
N LEU A 222 -13.28 29.50 3.68
CA LEU A 222 -14.09 28.75 2.74
C LEU A 222 -14.50 27.41 3.35
N ALA A 223 -13.56 26.73 4.00
CA ALA A 223 -13.89 25.47 4.66
C ALA A 223 -15.02 25.65 5.68
N GLU A 224 -14.93 26.70 6.49
CA GLU A 224 -15.92 26.90 7.53
C GLU A 224 -17.26 27.31 6.95
N ARG A 225 -17.25 28.15 5.92
CA ARG A 225 -18.51 28.61 5.34
C ARG A 225 -19.27 27.48 4.65
N GLU A 226 -18.55 26.65 3.88
CA GLU A 226 -19.18 25.60 3.09
C GLU A 226 -19.20 24.24 3.80
N ARG A 227 -18.56 24.13 4.97
CA ARG A 227 -18.42 22.88 5.72
C ARG A 227 -17.67 21.83 4.90
N VAL A 228 -16.52 22.23 4.38
CA VAL A 228 -15.68 21.44 3.50
C VAL A 228 -14.37 21.16 4.21
N PRO A 229 -13.95 19.90 4.36
CA PRO A 229 -12.67 19.63 5.02
C PRO A 229 -11.47 20.04 4.17
N VAL A 230 -10.41 20.43 4.87
CA VAL A 230 -9.12 20.79 4.26
C VAL A 230 -8.17 19.61 4.41
N LEU A 231 -7.53 19.22 3.32
CA LEU A 231 -6.52 18.17 3.35
C LEU A 231 -5.17 18.82 3.10
N VAL A 232 -4.27 18.73 4.09
CA VAL A 232 -2.95 19.35 4.01
C VAL A 232 -1.92 18.28 3.68
N ASP A 233 -1.13 18.51 2.63
CA ASP A 233 0.01 17.67 2.31
C ASP A 233 1.26 18.39 2.81
N ASN A 234 1.92 17.81 3.81
CA ASN A 234 3.09 18.42 4.44
C ASN A 234 4.38 17.65 4.17
N ALA A 235 4.44 16.94 3.03
CA ALA A 235 5.63 16.17 2.68
C ALA A 235 6.93 16.95 2.87
N PHE A 236 6.96 18.23 2.47
CA PHE A 236 8.20 19.01 2.53
C PHE A 236 8.21 20.04 3.64
N TYR A 237 7.31 19.93 4.62
CA TYR A 237 7.31 20.90 5.72
C TYR A 237 8.70 21.02 6.35
N GLY A 238 9.40 19.91 6.54
CA GLY A 238 10.69 19.92 7.20
C GLY A 238 11.86 20.17 6.29
N LEU A 239 11.62 20.47 5.01
CA LEU A 239 12.69 20.58 4.01
C LEU A 239 12.73 21.96 3.35
N THR A 240 12.39 23.00 4.09
CA THR A 240 12.59 24.34 3.55
C THR A 240 14.07 24.70 3.55
N ALA A 241 14.40 25.73 2.78
CA ALA A 241 15.74 26.31 2.82
C ALA A 241 16.10 26.74 4.24
N GLU A 242 17.41 26.80 4.50
CA GLU A 242 17.90 27.20 5.82
C GLU A 242 17.31 28.51 6.32
N ASP A 243 17.05 29.45 5.42
CA ASP A 243 16.61 30.78 5.82
C ASP A 243 15.09 30.96 5.70
N VAL A 244 14.33 29.88 5.56
CA VAL A 244 12.88 29.96 5.35
C VAL A 244 12.20 29.17 6.44
N ARG A 245 11.38 29.86 7.26
CA ARG A 245 10.59 29.17 8.25
C ARG A 245 9.30 28.70 7.59
N PRO A 246 8.97 27.41 7.63
CA PRO A 246 7.77 26.95 6.94
C PRO A 246 6.50 27.46 7.60
N THR A 247 5.52 27.83 6.78
CA THR A 247 4.20 28.11 7.30
C THR A 247 3.57 26.81 7.75
N SER A 248 3.04 26.77 8.97
CA SER A 248 2.44 25.54 9.50
C SER A 248 0.93 25.60 9.37
N ALA A 249 0.40 24.96 8.32
CA ALA A 249 -1.04 24.96 8.11
C ALA A 249 -1.80 24.36 9.29
N VAL A 250 -1.28 23.28 9.89
CA VAL A 250 -2.06 22.65 10.96
C VAL A 250 -2.19 23.58 12.15
N ARG A 251 -1.13 24.34 12.47
CA ARG A 251 -1.19 25.34 13.53
C ARG A 251 -2.21 26.43 13.21
N LEU A 252 -2.16 26.98 11.99
CA LEU A 252 -3.03 28.09 11.62
C LEU A 252 -4.47 27.65 11.41
N LEU A 253 -4.69 26.37 11.12
CA LEU A 253 -6.00 25.79 10.90
C LEU A 253 -6.48 24.97 12.11
N GLY A 254 -5.85 25.15 13.29
CA GLY A 254 -6.16 24.31 14.42
C GLY A 254 -7.62 24.28 14.82
N HIS A 255 -8.34 25.37 14.58
CA HIS A 255 -9.76 25.42 14.93
C HIS A 255 -10.60 24.49 14.08
N LEU A 256 -10.09 24.07 12.92
CA LEU A 256 -10.87 23.14 12.09
C LEU A 256 -10.81 21.71 12.60
N VAL A 257 -9.87 21.37 13.49
CA VAL A 257 -9.74 20.01 13.98
C VAL A 257 -11.04 19.57 14.66
N GLY A 258 -11.48 20.37 15.63
CA GLY A 258 -12.69 20.05 16.38
C GLY A 258 -13.97 20.11 15.58
N GLN A 259 -13.94 20.72 14.40
CA GLN A 259 -15.12 20.81 13.55
C GLN A 259 -15.18 19.71 12.50
N GLU A 260 -14.28 18.72 12.57
CA GLU A 260 -14.19 17.68 11.56
C GLU A 260 -13.92 18.25 10.17
N LEU A 261 -13.04 19.25 10.10
CA LEU A 261 -12.68 19.87 8.83
C LEU A 261 -11.18 19.90 8.56
N LEU A 262 -10.36 19.06 9.19
CA LEU A 262 -8.93 19.12 8.90
C LEU A 262 -8.28 17.75 8.96
N VAL A 263 -7.57 17.38 7.89
CA VAL A 263 -6.68 16.23 7.92
C VAL A 263 -5.39 16.62 7.23
N SER A 264 -4.25 16.29 7.83
CA SER A 264 -2.96 16.44 7.19
C SER A 264 -2.34 15.08 6.95
N VAL A 265 -1.54 14.99 5.89
CA VAL A 265 -0.71 13.82 5.64
C VAL A 265 0.73 14.31 5.54
N ARG A 266 1.66 13.56 6.14
CA ARG A 266 3.07 13.95 6.11
C ARG A 266 3.93 12.70 5.92
N SER A 267 4.55 12.56 4.76
CA SER A 267 5.47 11.46 4.55
C SER A 267 6.71 11.63 5.43
N LEU A 268 7.17 10.53 6.02
CA LEU A 268 8.45 10.52 6.70
C LEU A 268 9.56 10.09 5.77
N SER A 269 9.21 9.35 4.72
N SER A 269 9.22 9.36 4.72
CA SER A 269 10.19 8.67 3.88
CA SER A 269 10.21 8.66 3.94
C SER A 269 10.96 9.66 3.03
C SER A 269 10.93 9.61 2.97
N GLN A 271 11.57 13.15 3.80
CA GLN A 271 12.48 13.87 4.69
C GLN A 271 13.64 13.00 5.17
N PHE A 272 13.33 11.75 5.50
CA PHE A 272 14.33 10.88 6.14
C PHE A 272 14.86 9.82 5.20
N ALA A 273 14.74 10.05 3.89
CA ALA A 273 15.52 9.32 2.88
C ALA A 273 15.31 7.82 2.98
N CYS A 274 14.05 7.41 3.08
CA CYS A 274 13.68 6.00 3.12
C CYS A 274 12.37 5.78 2.37
N SER A 275 12.31 6.33 1.16
CA SER A 275 11.09 6.27 0.37
C SER A 275 10.56 4.85 0.20
N GLY A 276 11.45 3.86 0.12
CA GLY A 276 10.99 2.48 -0.03
C GLY A 276 10.17 1.98 1.14
N TRP A 277 10.30 2.62 2.32
CA TRP A 277 9.56 2.18 3.49
C TRP A 277 8.13 2.73 3.53
N ALA A 278 7.86 3.77 2.75
CA ALA A 278 6.52 4.34 2.56
C ALA A 278 5.78 4.55 3.89
N LEU A 279 6.48 5.16 4.86
CA LEU A 279 5.89 5.52 6.14
C LEU A 279 5.52 6.99 6.20
N GLY A 280 4.39 7.28 6.82
CA GLY A 280 3.92 8.64 6.96
C GLY A 280 2.93 8.75 8.09
N ALA A 281 2.50 9.98 8.34
CA ALA A 281 1.52 10.26 9.37
C ALA A 281 0.28 10.93 8.78
N VAL A 282 -0.88 10.49 9.23
CA VAL A 282 -2.18 11.09 8.92
C VAL A 282 -2.74 11.63 10.23
N ALA A 283 -3.12 12.90 10.24
CA ALA A 283 -3.41 13.54 11.52
C ALA A 283 -4.54 14.55 11.39
N GLY A 284 -5.30 14.72 12.47
CA GLY A 284 -6.26 15.80 12.45
C GLY A 284 -7.57 15.47 13.13
N SER A 285 -8.69 15.88 12.53
CA SER A 285 -9.99 15.66 13.14
C SER A 285 -10.20 14.19 13.48
N PRO A 286 -10.60 13.88 14.72
CA PRO A 286 -10.65 12.46 15.12
C PRO A 286 -11.68 11.62 14.36
N GLY A 287 -12.83 12.20 13.99
CA GLY A 287 -13.77 11.43 13.19
C GLY A 287 -13.23 11.07 11.82
N LEU A 288 -12.66 12.06 11.14
CA LEU A 288 -12.06 11.81 9.83
C LEU A 288 -10.93 10.80 9.93
N VAL A 289 -10.06 10.94 10.94
CA VAL A 289 -8.86 10.11 10.99
C VAL A 289 -9.22 8.67 11.40
N SER A 290 -10.18 8.50 12.31
CA SER A 290 -10.55 7.15 12.71
C SER A 290 -11.30 6.44 11.58
N ALA A 291 -12.17 7.16 10.87
CA ALA A 291 -12.86 6.57 9.72
C ALA A 291 -11.87 6.23 8.64
N TYR A 292 -10.93 7.14 8.36
CA TYR A 292 -9.85 6.82 7.41
C TYR A 292 -9.14 5.52 7.82
N SER A 293 -8.70 5.44 9.08
CA SER A 293 -7.77 4.40 9.49
C SER A 293 -8.37 3.00 9.37
N GLY A 294 -9.61 2.84 9.83
CA GLY A 294 -10.27 1.55 9.80
C GLY A 294 -11.05 1.34 8.51
N ARG A 295 -12.24 1.95 8.44
CA ARG A 295 -13.17 1.72 7.34
C ARG A 295 -12.56 1.96 5.96
N TRP A 296 -11.76 3.01 5.80
CA TRP A 296 -11.33 3.44 4.47
C TRP A 296 -9.88 3.07 4.17
N ARG A 297 -9.22 2.33 5.06
CA ARG A 297 -7.84 1.92 4.80
C ARG A 297 -7.61 0.44 5.15
N CYS A 298 -8.00 0.01 6.36
CA CYS A 298 -7.67 -1.34 6.78
C CYS A 298 -8.58 -2.40 6.19
N LEU A 299 -9.72 -2.04 5.60
CA LEU A 299 -10.47 -3.07 4.88
C LEU A 299 -9.83 -3.34 3.52
N ARG A 300 -9.05 -2.39 3.02
CA ARG A 300 -8.38 -2.50 1.72
C ARG A 300 -6.99 -3.08 1.82
N GLU A 301 -6.19 -2.62 2.82
CA GLU A 301 -4.78 -2.90 3.05
C GLU A 301 -4.60 -3.76 4.28
N PRO A 302 -3.61 -4.65 4.29
CA PRO A 302 -3.24 -5.33 5.53
C PRO A 302 -2.52 -4.36 6.45
N THR A 303 -2.51 -4.71 7.75
CA THR A 303 -1.77 -3.94 8.76
C THR A 303 -0.29 -4.32 8.70
N ALA A 304 0.34 -3.89 7.61
CA ALA A 304 1.70 -4.27 7.21
C ALA A 304 2.72 -3.33 7.85
N GLY A 305 4.00 -3.58 7.58
CA GLY A 305 5.05 -2.65 7.97
C GLY A 305 5.54 -2.74 9.40
N PHE A 306 5.25 -3.84 10.11
CA PHE A 306 5.62 -3.96 11.53
C PHE A 306 7.09 -3.59 11.75
N ARG A 307 8.01 -4.26 11.04
CA ARG A 307 9.43 -4.05 11.30
C ARG A 307 9.86 -2.63 10.93
N ALA A 308 9.39 -2.12 9.80
CA ALA A 308 9.77 -0.78 9.39
C ALA A 308 9.27 0.27 10.39
N GLN A 309 8.04 0.10 10.85
CA GLN A 309 7.47 1.04 11.81
C GLN A 309 8.25 1.00 13.13
N ALA A 310 8.61 -0.21 13.57
CA ALA A 310 9.36 -0.35 14.83
C ALA A 310 10.74 0.27 14.70
N ALA A 311 11.41 0.01 13.57
CA ALA A 311 12.73 0.59 13.35
C ALA A 311 12.64 2.11 13.29
N MET A 312 11.63 2.64 12.60
CA MET A 312 11.54 4.08 12.48
C MET A 312 11.17 4.71 13.84
N ALA A 313 10.37 4.01 14.66
CA ALA A 313 10.02 4.54 15.98
C ALA A 313 11.27 4.66 16.85
N ALA A 314 12.11 3.62 16.85
CA ALA A 314 13.37 3.63 17.57
C ALA A 314 14.28 4.72 17.05
N TRP A 315 14.45 4.77 15.73
CA TRP A 315 15.36 5.76 15.13
C TRP A 315 14.90 7.19 15.45
N LEU A 316 13.59 7.45 15.38
CA LEU A 316 13.10 8.79 15.68
C LEU A 316 13.32 9.16 17.14
N GLY A 317 13.52 8.18 18.00
CA GLY A 317 13.80 8.45 19.40
C GLY A 317 15.22 8.87 19.70
N GLY A 318 16.11 8.87 18.71
CA GLY A 318 17.48 9.25 18.90
C GLY A 318 17.78 10.64 18.35
N ALA A 319 19.07 10.97 18.33
CA ALA A 319 19.53 12.30 17.94
C ALA A 319 19.76 12.44 16.45
N GLU A 320 19.80 11.35 15.71
N GLU A 320 19.79 11.34 15.71
CA GLU A 320 20.13 11.44 14.29
CA GLU A 320 20.11 11.34 14.28
C GLU A 320 19.08 12.18 13.47
C GLU A 320 19.08 12.05 13.39
N PRO A 321 17.77 12.00 13.70
CA PRO A 321 16.81 12.71 12.83
C PRO A 321 17.02 14.22 12.75
N GLU A 322 17.22 14.90 13.89
CA GLU A 322 17.42 16.34 13.85
C GLU A 322 18.69 16.70 13.10
N ARG A 323 19.76 15.93 13.29
CA ARG A 323 21.00 16.16 12.56
C ARG A 323 20.80 15.95 11.06
N PHE A 324 20.13 14.87 10.69
CA PHE A 324 19.89 14.62 9.26
C PHE A 324 19.06 15.72 8.63
N THR A 325 18.02 16.19 9.33
CA THR A 325 17.19 17.26 8.78
C THR A 325 18.00 18.54 8.58
N ARG A 326 18.81 18.92 9.58
CA ARG A 326 19.67 20.10 9.44
C ARG A 326 20.58 19.94 8.23
N ARG A 327 21.14 18.74 8.04
CA ARG A 327 22.02 18.48 6.91
C ARG A 327 21.29 18.61 5.58
N ARG A 328 20.10 18.01 5.47
CA ARG A 328 19.33 18.12 4.23
C ARG A 328 19.01 19.57 3.90
N ARG A 329 18.64 20.36 4.91
CA ARG A 329 18.28 21.76 4.64
C ARG A 329 19.51 22.57 4.26
N SER A 330 20.64 22.28 4.92
CA SER A 330 21.91 22.93 4.55
C SER A 330 22.30 22.58 3.12
N GLU A 331 22.18 21.31 2.75
CA GLU A 331 22.52 20.88 1.40
C GLU A 331 21.59 21.50 0.36
N ALA A 332 20.28 21.49 0.62
CA ALA A 332 19.34 22.09 -0.33
C ALA A 332 19.67 23.55 -0.56
N THR A 333 20.04 24.27 0.50
CA THR A 333 20.34 25.70 0.36
C THR A 333 21.65 25.89 -0.41
N ARG A 334 22.67 25.11 -0.08
CA ARG A 334 23.94 25.20 -0.82
C ARG A 334 23.76 24.82 -2.28
N HIS A 335 22.92 23.83 -2.57
CA HIS A 335 22.74 23.39 -3.94
C HIS A 335 21.98 24.42 -4.75
N ALA A 336 20.99 25.10 -4.14
CA ALA A 336 20.31 26.18 -4.86
C ALA A 336 21.31 27.26 -5.23
N ARG A 337 22.17 27.64 -4.29
CA ARG A 337 23.22 28.62 -4.59
C ARG A 337 24.15 28.15 -5.69
N LEU A 338 24.56 26.88 -5.65
CA LEU A 338 25.50 26.36 -6.63
C LEU A 338 24.87 26.31 -8.01
N LEU A 339 23.60 25.97 -8.08
CA LEU A 339 22.92 25.98 -9.37
C LEU A 339 22.81 27.39 -9.91
N ARG A 340 22.44 28.35 -9.05
N ARG A 340 22.46 28.36 -9.05
CA ARG A 340 22.35 29.75 -9.46
CA ARG A 340 22.34 29.74 -9.52
C ARG A 340 23.64 30.22 -10.10
C ARG A 340 23.66 30.22 -10.12
N THR A 341 24.77 29.99 -9.43
CA THR A 341 26.06 30.43 -9.95
C THR A 341 26.41 29.66 -11.22
N THR A 342 26.19 28.35 -11.22
CA THR A 342 26.51 27.53 -12.39
C THR A 342 25.72 28.00 -13.61
N LEU A 343 24.45 28.30 -13.43
CA LEU A 343 23.60 28.63 -14.57
C LEU A 343 23.79 30.06 -15.03
N ARG A 344 24.14 30.97 -14.11
CA ARG A 344 24.59 32.29 -14.54
C ARG A 344 25.83 32.19 -15.42
N ALA A 345 26.81 31.37 -15.02
CA ALA A 345 28.00 31.21 -15.84
C ALA A 345 27.69 30.60 -17.19
N ALA A 346 26.66 29.75 -17.27
CA ALA A 346 26.26 29.13 -18.53
C ALA A 346 25.56 30.10 -19.47
N GLY A 347 25.13 31.26 -18.99
CA GLY A 347 24.53 32.28 -19.83
C GLY A 347 23.05 32.54 -19.60
N LEU A 348 22.43 31.89 -18.60
CA LEU A 348 21.01 32.12 -18.36
C LEU A 348 20.78 33.47 -17.70
N PRO A 349 19.70 34.17 -18.02
CA PRO A 349 19.32 35.36 -17.24
C PRO A 349 18.80 34.96 -15.86
N ASP A 350 18.88 35.92 -14.93
CA ASP A 350 18.49 35.65 -13.55
C ASP A 350 17.03 35.25 -13.44
N ASP A 351 16.16 35.89 -14.20
CA ASP A 351 14.72 35.61 -14.15
C ASP A 351 14.36 34.29 -14.82
N ALA A 352 15.35 33.55 -15.31
CA ALA A 352 15.15 32.19 -15.79
C ALA A 352 15.50 31.15 -14.74
N VAL A 353 15.98 31.56 -13.57
CA VAL A 353 16.42 30.66 -12.51
C VAL A 353 15.77 31.11 -11.21
N LEU A 354 14.77 30.36 -10.75
CA LEU A 354 13.98 30.71 -9.58
C LEU A 354 14.19 29.67 -8.49
N HIS A 355 14.40 30.13 -7.27
CA HIS A 355 14.37 29.24 -6.11
C HIS A 355 13.73 30.02 -4.97
N HIS A 356 12.61 29.52 -4.48
CA HIS A 356 11.85 30.21 -3.46
C HIS A 356 12.15 29.72 -2.05
N GLY A 357 12.74 28.54 -1.89
CA GLY A 357 13.11 28.09 -0.56
C GLY A 357 12.04 27.41 0.25
N GLY A 358 10.81 27.30 -0.25
CA GLY A 358 9.78 26.57 0.49
C GLY A 358 9.89 25.06 0.38
N ALA A 359 10.59 24.57 -0.65
CA ALA A 359 10.93 23.16 -0.82
C ALA A 359 12.16 23.09 -1.72
N PRO A 360 12.86 21.92 -1.77
CA PRO A 360 14.17 21.89 -2.49
C PRO A 360 14.04 21.75 -4.01
N PHE A 361 13.47 22.78 -4.65
CA PHE A 361 13.33 22.83 -6.10
C PHE A 361 13.82 24.16 -6.63
N THR A 362 14.57 24.09 -7.73
CA THR A 362 14.90 25.26 -8.54
C THR A 362 14.20 25.13 -9.89
N LEU A 363 13.68 26.25 -10.38
CA LEU A 363 12.89 26.26 -11.61
C LEU A 363 13.70 26.96 -12.68
N LEU A 364 13.82 26.34 -13.85
CA LEU A 364 14.57 26.89 -14.98
C LEU A 364 13.65 27.16 -16.15
N ARG A 365 13.73 28.35 -16.72
CA ARG A 365 12.92 28.50 -17.90
C ARG A 365 13.69 27.99 -19.11
N PRO A 366 13.11 27.10 -19.91
CA PRO A 366 13.81 26.53 -21.06
C PRO A 366 14.15 27.59 -22.09
N PRO A 367 15.13 27.34 -22.95
CA PRO A 367 15.47 28.31 -23.99
C PRO A 367 14.27 28.55 -24.91
N GLY A 368 13.99 29.81 -25.20
CA GLY A 368 12.90 30.11 -26.11
C GLY A 368 13.09 29.50 -27.48
N GLY A 369 11.97 29.09 -28.09
CA GLY A 369 11.98 28.61 -29.45
C GLY A 369 12.39 27.17 -29.65
N SER A 370 12.81 26.48 -28.60
N SER A 370 12.78 26.48 -28.58
CA SER A 370 13.07 25.05 -28.73
CA SER A 370 13.07 25.07 -28.63
C SER A 370 11.87 24.27 -28.20
C SER A 370 11.85 24.27 -28.20
N THR A 371 11.74 23.04 -28.70
CA THR A 371 10.70 22.13 -28.25
C THR A 371 11.18 21.55 -26.91
N VAL A 372 10.44 21.80 -25.85
N VAL A 372 10.43 21.80 -25.83
CA VAL A 372 11.00 21.55 -24.52
CA VAL A 372 10.99 21.55 -24.51
C VAL A 372 11.21 20.06 -24.27
C VAL A 372 11.22 20.06 -24.27
N GLU A 373 10.34 19.20 -24.79
CA GLU A 373 10.54 17.77 -24.61
C GLU A 373 11.80 17.30 -25.35
N GLU A 374 12.11 17.94 -26.48
CA GLU A 374 13.36 17.65 -27.18
C GLU A 374 14.57 18.08 -26.36
N VAL A 375 14.56 19.32 -25.85
CA VAL A 375 15.63 19.80 -25.00
C VAL A 375 15.82 18.86 -23.81
N ARG A 376 14.70 18.45 -23.21
CA ARG A 376 14.74 17.53 -22.08
C ARG A 376 15.43 16.22 -22.46
N GLU A 377 15.05 15.62 -23.59
CA GLU A 377 15.69 14.37 -24.00
C GLU A 377 17.18 14.59 -24.29
N GLN A 378 17.52 15.66 -25.00
CA GLN A 378 18.89 15.86 -25.42
C GLN A 378 19.80 16.16 -24.23
N THR A 379 19.25 16.77 -23.18
CA THR A 379 20.05 16.98 -21.96
C THR A 379 20.49 15.65 -21.35
N VAL A 380 19.63 14.62 -21.40
CA VAL A 380 20.04 13.29 -20.94
C VAL A 380 21.03 12.67 -21.91
N VAL A 381 20.69 12.70 -23.20
CA VAL A 381 21.50 12.02 -24.22
C VAL A 381 22.91 12.59 -24.23
N ARG A 382 23.03 13.90 -24.05
CA ARG A 382 24.33 14.55 -24.21
C ARG A 382 25.08 14.72 -22.91
N HIS A 383 24.37 14.93 -21.78
CA HIS A 383 25.01 15.30 -20.54
C HIS A 383 24.52 14.50 -19.33
N GLY A 384 23.57 13.61 -19.52
CA GLY A 384 23.13 12.69 -18.49
C GLY A 384 22.14 13.25 -17.48
N VAL A 385 21.66 14.47 -17.63
CA VAL A 385 20.85 15.13 -16.60
C VAL A 385 19.38 15.06 -16.97
N LEU A 386 18.55 14.44 -16.10
CA LEU A 386 17.11 14.39 -16.33
C LEU A 386 16.43 15.38 -15.39
N LEU A 387 15.77 16.38 -15.99
CA LEU A 387 14.99 17.38 -15.28
C LEU A 387 13.50 17.07 -15.40
N GLY A 388 12.73 17.59 -14.46
CA GLY A 388 11.29 17.50 -14.58
C GLY A 388 10.75 18.60 -15.46
N LEU A 389 9.54 18.39 -15.95
CA LEU A 389 8.88 19.34 -16.85
C LEU A 389 7.53 19.70 -16.25
N GLU A 390 7.30 20.99 -16.01
CA GLU A 390 6.02 21.51 -15.54
C GLU A 390 5.60 22.66 -16.45
N ARG A 391 4.34 23.05 -16.36
CA ARG A 391 3.85 24.21 -17.11
C ARG A 391 2.99 25.10 -16.22
N ASP A 392 2.95 26.40 -16.55
CA ASP A 392 2.13 27.34 -15.78
C ASP A 392 0.72 27.38 -16.36
N ALA A 393 -0.08 28.34 -15.89
CA ALA A 393 -1.50 28.36 -16.21
C ALA A 393 -1.76 28.68 -17.67
N ARG A 394 -0.82 29.34 -18.35
CA ARG A 394 -0.90 29.59 -19.78
C ARG A 394 -0.06 28.60 -20.58
N GLU A 395 0.27 27.45 -19.98
CA GLU A 395 1.02 26.37 -20.62
C GLU A 395 2.47 26.72 -20.87
N ARG A 396 2.99 27.76 -20.21
CA ARG A 396 4.40 28.10 -20.40
C ARG A 396 5.28 27.12 -19.62
N PRO A 397 6.31 26.55 -20.24
CA PRO A 397 7.07 25.47 -19.62
C PRO A 397 8.18 25.93 -18.68
N TRP A 398 8.41 25.11 -17.66
CA TRP A 398 9.49 25.29 -16.70
C TRP A 398 10.13 23.93 -16.44
N PHE A 399 11.46 23.89 -16.42
CA PHE A 399 12.15 22.72 -15.90
C PHE A 399 12.15 22.81 -14.38
N LYS A 400 11.98 21.67 -13.74
CA LYS A 400 12.04 21.53 -12.29
C LYS A 400 13.30 20.76 -11.93
N VAL A 401 14.12 21.32 -11.06
CA VAL A 401 15.38 20.70 -10.65
C VAL A 401 15.29 20.38 -9.17
N TRP A 402 15.24 19.09 -8.84
CA TRP A 402 15.30 18.64 -7.45
C TRP A 402 16.70 18.86 -6.88
N LEU A 403 16.75 19.46 -5.69
CA LEU A 403 18.00 19.84 -5.05
C LEU A 403 18.37 18.92 -3.89
N GLY A 404 17.45 18.07 -3.42
CA GLY A 404 17.68 17.33 -2.19
C GLY A 404 18.44 16.03 -2.33
N ARG A 405 19.48 16.03 -3.15
CA ARG A 405 20.41 14.92 -3.28
C ARG A 405 21.64 15.20 -2.43
N ASP A 406 22.37 14.13 -2.10
CA ASP A 406 23.67 14.32 -1.47
C ASP A 406 24.59 15.08 -2.41
N SER A 407 25.48 15.91 -1.83
CA SER A 407 26.40 16.68 -2.66
C SER A 407 27.28 15.80 -3.53
N SER A 408 27.53 14.55 -3.09
CA SER A 408 28.36 13.65 -3.90
C SER A 408 27.75 13.43 -5.28
N VAL A 409 26.42 13.47 -5.36
CA VAL A 409 25.73 13.35 -6.64
C VAL A 409 25.44 14.73 -7.24
N PHE A 410 25.04 15.69 -6.39
CA PHE A 410 24.54 16.95 -6.93
C PHE A 410 25.65 17.77 -7.57
N GLU A 411 26.86 17.72 -7.02
CA GLU A 411 27.94 18.54 -7.56
C GLU A 411 28.30 18.12 -8.98
N PRO A 412 28.55 16.84 -9.29
CA PRO A 412 28.73 16.47 -10.71
C PRO A 412 27.48 16.71 -11.53
N ALA A 413 26.29 16.56 -10.95
CA ALA A 413 25.06 16.83 -11.70
C ALA A 413 24.99 18.29 -12.14
N ALA A 414 25.35 19.19 -11.23
CA ALA A 414 25.30 20.61 -11.56
C ALA A 414 26.32 20.97 -12.63
N ARG A 415 27.53 20.39 -12.56
CA ARG A 415 28.49 20.64 -13.64
C ARG A 415 27.94 20.18 -14.99
N ALA A 416 27.33 19.00 -15.04
CA ALA A 416 26.79 18.49 -16.29
C ALA A 416 25.63 19.34 -16.78
N LEU A 417 24.77 19.80 -15.84
CA LEU A 417 23.67 20.68 -16.22
C LEU A 417 24.18 22.02 -16.73
N GLY A 418 25.25 22.53 -16.12
CA GLY A 418 25.88 23.73 -16.67
C GLY A 418 26.42 23.53 -18.07
N ASP A 419 27.04 22.37 -18.34
CA ASP A 419 27.49 22.04 -19.68
C ASP A 419 26.32 22.01 -20.66
N ALA A 420 25.20 21.42 -20.26
CA ALA A 420 24.02 21.36 -21.11
C ALA A 420 23.48 22.76 -21.37
N ALA A 421 23.33 23.55 -20.31
CA ALA A 421 22.68 24.85 -20.42
C ALA A 421 23.51 25.81 -21.28
N ALA A 422 24.83 25.60 -21.35
CA ALA A 422 25.68 26.40 -22.22
C ALA A 422 25.34 26.21 -23.69
N GLU A 423 24.71 25.08 -24.05
CA GLU A 423 24.28 24.85 -25.42
C GLU A 423 22.93 25.50 -25.73
N TRP A 424 22.27 26.06 -24.72
CA TRP A 424 20.94 26.64 -24.85
C TRP A 424 21.05 28.12 -25.21
N ARG A 425 20.09 28.61 -26.01
CA ARG A 425 20.17 29.97 -26.54
C ARG A 425 19.24 30.90 -25.75
N TYR A 426 19.83 31.85 -25.03
CA TYR A 426 19.06 32.92 -24.38
C TYR A 426 19.44 34.29 -24.94
N LEU B 16 7.53 -17.30 23.34
CA LEU B 16 6.70 -17.19 22.13
C LEU B 16 5.79 -18.38 21.95
N THR B 17 5.62 -19.17 23.00
CA THR B 17 4.64 -20.27 23.01
C THR B 17 3.19 -19.78 23.14
N ASP B 18 2.95 -18.48 23.30
CA ASP B 18 1.61 -17.92 23.15
C ASP B 18 1.75 -16.56 22.46
N ASP B 19 0.63 -15.85 22.33
CA ASP B 19 0.57 -14.66 21.49
C ASP B 19 0.40 -13.36 22.26
N GLY B 20 0.38 -13.41 23.61
CA GLY B 20 0.15 -12.20 24.38
C GLY B 20 1.11 -11.06 24.01
N TRP B 21 2.40 -11.40 23.80
CA TRP B 21 3.41 -10.41 23.42
C TRP B 21 2.98 -9.58 22.22
N LEU B 22 2.29 -10.22 21.26
CA LEU B 22 1.92 -9.53 20.02
C LEU B 22 0.85 -8.48 20.28
N ILE B 23 -0.12 -8.80 21.14
CA ILE B 23 -1.18 -7.85 21.50
C ILE B 23 -0.63 -6.78 22.43
N ARG B 24 0.20 -7.15 23.40
CA ARG B 24 0.78 -6.12 24.27
C ARG B 24 1.59 -5.10 23.49
N ARG B 25 2.23 -5.52 22.39
CA ARG B 25 3.03 -4.55 21.64
C ARG B 25 2.23 -3.83 20.57
N THR B 26 1.35 -4.51 19.84
CA THR B 26 0.75 -3.90 18.66
C THR B 26 -0.68 -3.43 18.87
N SER B 27 -1.31 -3.74 20.02
CA SER B 27 -2.68 -3.33 20.29
C SER B 27 -2.83 -2.35 21.44
N VAL B 28 -1.96 -2.40 22.44
CA VAL B 28 -2.09 -1.53 23.60
C VAL B 28 -1.72 -0.12 23.18
N ASP B 29 -2.64 0.82 23.37
CA ASP B 29 -2.40 2.17 22.90
C ASP B 29 -3.39 3.09 23.62
N THR B 30 -3.20 4.39 23.46
CA THR B 30 -4.14 5.32 24.09
C THR B 30 -5.38 5.54 23.25
N VAL B 31 -5.50 4.85 22.13
CA VAL B 31 -6.71 4.81 21.34
C VAL B 31 -7.14 3.36 21.24
N ARG B 32 -8.44 3.16 21.12
CA ARG B 32 -8.99 1.82 20.87
C ARG B 32 -8.44 1.30 19.55
N PRO B 33 -7.80 0.13 19.51
CA PRO B 33 -7.06 -0.27 18.30
C PRO B 33 -7.95 -0.64 17.14
N PHE B 34 -9.16 -1.16 17.41
CA PHE B 34 -10.24 -1.30 16.43
C PHE B 34 -11.48 -1.61 17.24
N ASP B 35 -12.65 -1.46 16.62
CA ASP B 35 -13.88 -1.50 17.41
C ASP B 35 -14.57 -2.86 17.41
N ASP B 36 -13.98 -3.87 16.80
CA ASP B 36 -14.53 -5.21 16.89
C ASP B 36 -14.45 -5.70 18.35
N PRO B 37 -15.47 -6.39 18.85
CA PRO B 37 -15.42 -6.86 20.25
C PRO B 37 -14.19 -7.71 20.56
N SER B 38 -13.68 -8.47 19.57
CA SER B 38 -12.51 -9.31 19.80
C SER B 38 -11.29 -8.49 20.21
N ALA B 39 -11.22 -7.21 19.79
CA ALA B 39 -10.09 -6.37 20.20
C ALA B 39 -9.97 -6.32 21.70
N GLN B 40 -11.08 -6.09 22.41
CA GLN B 40 -11.00 -5.98 23.85
C GLN B 40 -10.75 -7.35 24.50
N TRP B 41 -11.32 -8.42 23.95
CA TRP B 41 -11.07 -9.75 24.49
C TRP B 41 -9.58 -10.02 24.49
N MET B 42 -8.92 -9.67 23.39
CA MET B 42 -7.51 -9.95 23.19
C MET B 42 -6.68 -9.08 24.13
N LEU B 43 -6.99 -7.79 24.19
CA LEU B 43 -6.32 -6.87 25.12
C LEU B 43 -6.42 -7.36 26.56
N ASP B 44 -7.62 -7.73 27.01
CA ASP B 44 -7.80 -8.06 28.41
C ASP B 44 -7.02 -9.32 28.78
N ARG B 45 -7.07 -10.33 27.92
CA ARG B 45 -6.26 -11.52 28.10
C ARG B 45 -4.78 -11.21 28.12
N ALA B 46 -4.31 -10.46 27.10
CA ALA B 46 -2.88 -10.18 26.99
C ALA B 46 -2.37 -9.28 28.10
N GLN B 47 -3.16 -8.28 28.49
CA GLN B 47 -2.68 -7.39 29.53
C GLN B 47 -2.70 -8.06 30.89
N ALA B 48 -3.54 -9.07 31.05
CA ALA B 48 -3.50 -9.89 32.26
C ALA B 48 -2.33 -10.86 32.25
N ARG B 49 -1.53 -10.89 31.17
CA ARG B 49 -0.37 -11.78 31.05
C ARG B 49 -0.78 -13.23 31.24
N LEU B 50 -1.94 -13.58 30.70
CA LEU B 50 -2.40 -14.95 30.62
C LEU B 50 -2.25 -15.46 29.19
N PRO B 51 -2.07 -16.76 28.98
CA PRO B 51 -1.79 -17.26 27.63
C PRO B 51 -2.91 -16.91 26.67
N LEU B 52 -2.51 -16.41 25.49
CA LEU B 52 -3.43 -16.03 24.44
C LEU B 52 -3.04 -16.78 23.17
N TYR B 53 -4.00 -17.36 22.47
CA TYR B 53 -3.70 -18.12 21.26
C TYR B 53 -4.59 -17.60 20.13
N LEU B 54 -3.97 -16.95 19.13
CA LEU B 54 -4.73 -16.32 18.06
C LEU B 54 -4.85 -17.32 16.91
N LEU B 55 -5.98 -18.03 16.87
CA LEU B 55 -6.26 -19.00 15.81
C LEU B 55 -7.33 -18.49 14.85
N HIS B 56 -7.56 -17.18 14.82
CA HIS B 56 -8.66 -16.62 14.03
C HIS B 56 -8.20 -15.87 12.79
N VAL B 57 -6.92 -15.53 12.68
CA VAL B 57 -6.37 -14.87 11.49
C VAL B 57 -5.19 -15.68 10.99
N ALA B 58 -5.04 -15.75 9.66
CA ALA B 58 -4.11 -16.73 9.06
C ALA B 58 -2.70 -16.16 8.91
N ASP B 59 -2.04 -15.97 10.05
CA ASP B 59 -0.71 -15.36 10.09
C ASP B 59 0.25 -16.30 10.82
N HIS B 60 1.54 -16.00 10.68
CA HIS B 60 2.64 -16.74 11.30
C HIS B 60 3.58 -15.73 11.95
N ALA B 61 3.02 -14.88 12.81
CA ALA B 61 3.75 -13.74 13.35
C ALA B 61 4.88 -14.15 14.30
N GLU B 62 4.87 -15.39 14.79
CA GLU B 62 5.83 -15.81 15.81
C GLU B 62 7.25 -15.96 15.27
N ALA B 63 7.43 -16.08 13.96
CA ALA B 63 8.77 -16.22 13.39
C ALA B 63 8.71 -16.11 11.88
N THR B 64 9.79 -15.59 11.29
CA THR B 64 10.03 -15.68 9.85
C THR B 64 10.74 -16.99 9.53
N PRO B 65 10.86 -17.33 8.24
CA PRO B 65 11.61 -18.52 7.86
C PRO B 65 13.10 -18.32 8.10
N PRO B 66 13.85 -19.41 8.30
CA PRO B 66 15.30 -19.32 8.32
C PRO B 66 15.81 -18.59 7.09
N GLY B 67 16.78 -17.70 7.30
CA GLY B 67 17.44 -17.01 6.21
C GLY B 67 16.81 -15.71 5.75
N LEU B 68 15.51 -15.48 6.03
CA LEU B 68 14.83 -14.34 5.42
C LEU B 68 15.28 -13.01 6.05
N ARG B 69 15.39 -12.95 7.39
CA ARG B 69 15.87 -11.71 8.00
C ARG B 69 17.33 -11.46 7.66
N GLU B 70 18.12 -12.54 7.55
CA GLU B 70 19.50 -12.40 7.10
C GLU B 70 19.55 -11.79 5.71
N ALA B 71 18.67 -12.26 4.81
CA ALA B 71 18.62 -11.70 3.47
C ALA B 71 18.29 -10.21 3.51
N LEU B 72 17.42 -9.80 4.45
CA LEU B 72 17.09 -8.38 4.56
C LEU B 72 18.31 -7.56 4.96
N HIS B 73 19.10 -8.06 5.90
CA HIS B 73 20.29 -7.36 6.35
C HIS B 73 21.37 -7.34 5.28
N ALA B 74 21.48 -8.43 4.50
CA ALA B 74 22.50 -8.51 3.46
C ALA B 74 22.31 -7.45 2.40
N GLN B 75 21.09 -6.99 2.20
CA GLN B 75 20.87 -5.93 1.23
C GLN B 75 21.47 -4.58 1.67
N ASP B 76 22.05 -4.46 2.88
CA ASP B 76 22.86 -3.27 3.17
C ASP B 76 24.00 -3.07 2.19
N ALA B 77 24.34 -4.10 1.38
CA ALA B 77 25.50 -4.05 0.51
C ALA B 77 25.41 -2.94 -0.55
N ALA B 78 24.20 -2.50 -0.86
CA ALA B 78 23.99 -1.47 -1.86
C ALA B 78 22.78 -0.65 -1.45
N PRO B 79 22.68 0.61 -1.89
CA PRO B 79 21.54 1.46 -1.49
C PRO B 79 20.26 0.89 -2.08
N CYS B 80 19.31 0.58 -1.21
CA CYS B 80 18.12 -0.13 -1.66
C CYS B 80 16.88 0.34 -0.91
N ASP B 81 16.85 1.60 -0.47
CA ASP B 81 15.68 2.13 0.21
C ASP B 81 15.06 3.32 -0.49
N GLY B 82 15.46 3.57 -1.75
CA GLY B 82 14.82 4.59 -2.58
C GLY B 82 13.64 4.00 -3.35
N LEU B 83 12.96 4.87 -4.09
CA LEU B 83 11.92 4.40 -5.00
C LEU B 83 12.54 3.74 -6.24
N LEU B 84 11.80 2.78 -6.81
N LEU B 84 11.86 2.77 -6.82
CA LEU B 84 12.15 2.02 -8.01
CA LEU B 84 12.44 2.11 -7.98
C LEU B 84 11.73 2.71 -9.30
C LEU B 84 11.71 2.49 -9.27
N PHE B 85 12.42 2.36 -10.38
CA PHE B 85 11.98 2.88 -11.67
C PHE B 85 11.45 1.76 -12.58
N SER B 86 10.45 1.03 -12.05
CA SER B 86 9.66 0.10 -12.84
C SER B 86 8.27 0.01 -12.25
N GLN B 87 7.26 0.04 -13.11
CA GLN B 87 5.90 -0.09 -12.62
C GLN B 87 5.54 -1.51 -12.24
N TYR B 88 6.43 -2.47 -12.52
CA TYR B 88 6.19 -3.87 -12.24
C TYR B 88 6.93 -4.37 -11.00
N GLY B 89 7.64 -3.50 -10.29
CA GLY B 89 8.45 -3.92 -9.16
C GLY B 89 9.89 -4.18 -9.54
N LEU B 90 10.65 -4.60 -8.55
CA LEU B 90 12.10 -4.81 -8.72
C LEU B 90 12.37 -5.96 -9.68
N PRO B 91 13.11 -5.76 -10.78
CA PRO B 91 13.23 -6.84 -11.78
C PRO B 91 13.79 -8.13 -11.23
N GLU B 92 14.75 -8.11 -10.30
CA GLU B 92 15.29 -9.39 -9.81
C GLU B 92 14.23 -10.20 -9.07
N LEU B 93 13.27 -9.52 -8.42
CA LEU B 93 12.13 -10.22 -7.81
C LEU B 93 11.11 -10.64 -8.85
N ARG B 94 10.79 -9.74 -9.78
CA ARG B 94 9.75 -10.03 -10.75
C ARG B 94 10.12 -11.26 -11.58
N ARG B 95 11.38 -11.36 -12.02
CA ARG B 95 11.74 -12.50 -12.84
C ARG B 95 11.83 -13.77 -12.00
N ARG B 96 12.17 -13.66 -10.71
CA ARG B 96 12.12 -14.81 -9.84
C ARG B 96 10.71 -15.34 -9.69
N LEU B 97 9.74 -14.43 -9.53
CA LEU B 97 8.34 -14.85 -9.38
C LEU B 97 7.82 -15.49 -10.66
N ASP B 98 8.22 -14.96 -11.81
CA ASP B 98 7.81 -15.53 -13.10
C ASP B 98 8.24 -16.99 -13.19
N ALA B 99 9.51 -17.25 -12.93
CA ALA B 99 10.02 -18.63 -12.97
C ALA B 99 9.38 -19.47 -11.88
N TRP B 100 9.33 -18.94 -10.66
CA TRP B 100 8.90 -19.72 -9.51
C TRP B 100 7.42 -20.08 -9.60
N LEU B 101 6.57 -19.12 -9.97
CA LEU B 101 5.15 -19.38 -10.09
C LEU B 101 4.86 -20.35 -11.22
N ALA B 102 5.52 -20.16 -12.37
CA ALA B 102 5.27 -21.04 -13.50
C ALA B 102 5.57 -22.49 -13.15
N ALA B 103 6.66 -22.73 -12.41
CA ALA B 103 6.99 -24.09 -12.00
C ALA B 103 6.05 -24.56 -10.88
N ASP B 104 5.79 -23.71 -9.89
CA ASP B 104 5.07 -24.15 -8.70
C ASP B 104 3.63 -24.49 -9.02
N GLU B 105 3.00 -23.69 -9.88
CA GLU B 105 1.59 -23.86 -10.25
C GLU B 105 1.43 -24.58 -11.58
N GLU B 106 2.53 -25.04 -12.18
CA GLU B 106 2.48 -25.85 -13.40
C GLU B 106 1.72 -25.16 -14.51
N TRP B 107 2.09 -23.89 -14.76
CA TRP B 107 1.42 -23.08 -15.78
C TRP B 107 1.55 -23.73 -17.15
N ASP B 108 0.55 -23.47 -18.00
CA ASP B 108 0.56 -23.90 -19.39
C ASP B 108 1.69 -23.22 -20.14
N THR B 109 2.62 -24.01 -20.66
CA THR B 109 3.78 -23.42 -21.33
C THR B 109 3.41 -22.70 -22.62
N ALA B 110 2.22 -22.95 -23.16
CA ALA B 110 1.77 -22.26 -24.37
C ALA B 110 1.13 -20.92 -24.09
N ALA B 111 0.75 -20.64 -22.84
CA ALA B 111 0.28 -19.31 -22.48
C ALA B 111 1.46 -18.38 -22.35
N GLU B 112 1.22 -17.08 -22.55
CA GLU B 112 2.25 -16.05 -22.46
C GLU B 112 1.79 -15.00 -21.46
N PRO B 113 1.84 -15.30 -20.17
CA PRO B 113 1.39 -14.35 -19.16
C PRO B 113 2.43 -13.27 -18.89
N LEU B 114 1.97 -12.25 -18.18
CA LEU B 114 2.84 -11.21 -17.63
C LEU B 114 2.76 -11.26 -16.11
N VAL B 115 3.90 -11.12 -15.44
CA VAL B 115 3.97 -11.20 -13.98
C VAL B 115 4.46 -9.87 -13.43
N SER B 116 3.77 -9.38 -12.38
CA SER B 116 4.05 -8.10 -11.75
C SER B 116 4.14 -8.28 -10.24
N VAL B 117 4.97 -7.46 -9.56
CA VAL B 117 5.01 -7.53 -8.10
C VAL B 117 3.90 -6.66 -7.52
N ALA B 118 3.23 -7.17 -6.50
CA ALA B 118 2.40 -6.34 -5.62
C ALA B 118 3.16 -6.15 -4.30
N TRP B 119 3.20 -4.91 -3.80
CA TRP B 119 4.01 -4.62 -2.61
C TRP B 119 3.24 -3.91 -1.49
N SER B 120 1.91 -3.93 -1.52
CA SER B 120 1.15 -3.40 -0.40
C SER B 120 0.00 -4.32 0.01
N GLY B 121 0.01 -5.57 -0.42
CA GLY B 121 -1.02 -6.54 -0.06
C GLY B 121 -1.84 -6.99 -1.26
N THR B 122 -2.15 -8.28 -1.31
CA THR B 122 -2.93 -8.75 -2.45
C THR B 122 -4.41 -8.38 -2.31
N GLY B 123 -4.90 -8.14 -1.10
CA GLY B 123 -6.22 -7.51 -0.96
C GLY B 123 -6.28 -6.15 -1.65
N ALA B 124 -5.18 -5.38 -1.56
CA ALA B 124 -5.15 -4.09 -2.25
C ALA B 124 -4.99 -4.26 -3.76
N ALA B 125 -4.26 -5.30 -4.18
CA ALA B 125 -4.18 -5.57 -5.61
C ALA B 125 -5.55 -5.95 -6.16
N ILE B 126 -6.32 -6.75 -5.40
CA ILE B 126 -7.68 -7.07 -5.83
C ILE B 126 -8.52 -5.80 -5.96
N PHE B 127 -8.42 -4.91 -4.97
CA PHE B 127 -9.12 -3.62 -5.04
C PHE B 127 -8.77 -2.87 -6.31
N ASP B 128 -7.47 -2.77 -6.64
CA ASP B 128 -7.06 -2.04 -7.83
C ASP B 128 -7.55 -2.72 -9.09
N LEU B 129 -7.51 -4.06 -9.12
CA LEU B 129 -8.03 -4.80 -10.27
C LEU B 129 -9.53 -4.57 -10.45
N LEU B 130 -10.30 -4.60 -9.36
CA LEU B 130 -11.75 -4.41 -9.47
C LEU B 130 -12.10 -2.98 -9.90
N ARG B 131 -11.38 -1.97 -9.41
CA ARG B 131 -11.70 -0.62 -9.87
C ARG B 131 -11.27 -0.44 -11.32
N MET B 132 -10.21 -1.15 -11.75
CA MET B 132 -9.87 -1.18 -13.17
C MET B 132 -11.04 -1.71 -14.00
N LEU B 133 -11.66 -2.78 -13.53
CA LEU B 133 -12.75 -3.38 -14.28
C LEU B 133 -14.06 -2.60 -14.16
N LYS B 134 -14.13 -1.61 -13.26
CA LYS B 134 -15.28 -0.72 -13.26
C LYS B 134 -15.14 0.39 -14.30
N ASP B 135 -13.91 0.71 -14.69
CA ASP B 135 -13.69 1.82 -15.61
C ASP B 135 -14.43 1.63 -16.93
N GLY B 136 -15.13 2.68 -17.36
CA GLY B 136 -15.90 2.63 -18.59
C GLY B 136 -17.21 1.89 -18.50
N ARG B 137 -17.64 1.51 -17.29
CA ARG B 137 -18.87 0.76 -17.08
C ARG B 137 -19.89 1.64 -16.36
N PRO B 138 -20.64 2.47 -17.08
CA PRO B 138 -21.65 3.28 -16.39
C PRO B 138 -22.77 2.45 -15.77
N GLY B 139 -23.19 1.39 -16.45
CA GLY B 139 -24.28 0.58 -15.98
C GLY B 139 -23.93 -0.12 -14.69
N PRO B 140 -24.94 -0.37 -13.86
CA PRO B 140 -24.73 -1.20 -12.67
C PRO B 140 -24.03 -2.51 -13.04
N SER B 141 -23.03 -2.88 -12.25
CA SER B 141 -22.21 -4.04 -12.54
C SER B 141 -22.09 -4.91 -11.30
N ALA B 142 -21.82 -6.20 -11.53
CA ALA B 142 -21.70 -7.18 -10.47
C ALA B 142 -20.33 -7.83 -10.51
N VAL B 143 -19.85 -8.26 -9.34
CA VAL B 143 -18.71 -9.16 -9.23
C VAL B 143 -19.25 -10.43 -8.59
N LEU B 144 -19.04 -11.56 -9.26
CA LEU B 144 -19.34 -12.87 -8.66
C LEU B 144 -18.21 -13.28 -7.74
N LEU B 145 -18.53 -13.62 -6.49
CA LEU B 145 -17.51 -13.90 -5.50
C LEU B 145 -18.01 -15.01 -4.59
N PRO B 146 -17.12 -15.76 -3.96
CA PRO B 146 -17.58 -16.79 -3.03
C PRO B 146 -18.09 -16.18 -1.74
N ARG B 147 -19.11 -16.84 -1.17
CA ARG B 147 -19.57 -16.51 0.18
C ARG B 147 -19.54 -17.78 1.02
N PRO B 148 -18.79 -17.82 2.13
CA PRO B 148 -17.98 -16.71 2.63
C PRO B 148 -16.69 -16.50 1.84
N GLY B 149 -16.14 -15.29 1.93
CA GLY B 149 -14.89 -14.97 1.27
C GLY B 149 -14.02 -14.12 2.18
N TRP B 150 -12.76 -13.97 1.78
CA TRP B 150 -11.79 -13.23 2.59
C TRP B 150 -11.86 -11.76 2.17
N GLY B 151 -12.78 -11.00 2.77
CA GLY B 151 -12.83 -9.56 2.60
C GLY B 151 -13.03 -8.98 1.22
N TYR B 152 -13.36 -9.82 0.22
CA TYR B 152 -13.59 -9.30 -1.13
C TYR B 152 -14.80 -8.37 -1.18
N ASP B 153 -15.80 -8.63 -0.34
CA ASP B 153 -17.09 -7.95 -0.47
C ASP B 153 -16.95 -6.43 -0.43
N MET B 154 -16.17 -5.91 0.55
CA MET B 154 -16.03 -4.45 0.64
C MET B 154 -15.25 -3.87 -0.53
N SER B 155 -14.24 -4.59 -1.03
CA SER B 155 -13.55 -4.08 -2.21
C SER B 155 -14.49 -3.99 -3.40
N VAL B 156 -15.37 -4.99 -3.54
CA VAL B 156 -16.37 -4.95 -4.62
C VAL B 156 -17.26 -3.72 -4.47
N ARG B 157 -17.81 -3.50 -3.27
CA ARG B 157 -18.70 -2.36 -3.05
C ARG B 157 -17.96 -1.04 -3.26
N ASP B 158 -16.77 -0.91 -2.69
CA ASP B 158 -16.03 0.35 -2.70
C ASP B 158 -15.47 0.69 -4.08
N THR B 159 -15.39 -0.27 -5.00
CA THR B 159 -14.96 0.03 -6.35
C THR B 159 -16.14 0.18 -7.31
N GLY B 160 -17.37 0.20 -6.81
CA GLY B 160 -18.51 0.55 -7.64
C GLY B 160 -19.34 -0.59 -8.18
N HIS B 161 -19.07 -1.82 -7.76
CA HIS B 161 -19.80 -3.00 -8.20
C HIS B 161 -20.77 -3.46 -7.11
N VAL B 162 -21.69 -4.32 -7.50
CA VAL B 162 -22.58 -5.03 -6.58
C VAL B 162 -22.01 -6.42 -6.34
N PRO B 163 -21.76 -6.81 -5.10
CA PRO B 163 -21.35 -8.20 -4.84
C PRO B 163 -22.53 -9.15 -5.00
N VAL B 164 -22.36 -10.15 -5.84
CA VAL B 164 -23.36 -11.19 -6.05
C VAL B 164 -22.67 -12.50 -5.76
N SER B 165 -22.96 -13.10 -4.62
CA SER B 165 -22.12 -14.21 -4.17
C SER B 165 -22.67 -15.56 -4.61
N TYR B 166 -21.76 -16.51 -4.83
CA TYR B 166 -22.13 -17.89 -5.00
C TYR B 166 -21.78 -18.65 -3.72
N GLU B 167 -22.69 -19.54 -3.32
CA GLU B 167 -22.55 -20.28 -2.08
C GLU B 167 -21.39 -21.26 -2.13
N VAL B 168 -20.56 -21.27 -1.09
CA VAL B 168 -19.59 -22.34 -0.88
C VAL B 168 -19.96 -23.03 0.43
N PRO B 169 -20.50 -24.23 0.39
CA PRO B 169 -20.89 -24.93 1.63
C PRO B 169 -19.67 -25.32 2.45
N PRO B 170 -19.71 -25.13 3.78
CA PRO B 170 -18.59 -25.57 4.62
C PRO B 170 -18.37 -27.07 4.59
N GLU B 171 -19.43 -27.84 4.35
CA GLU B 171 -19.33 -29.29 4.41
C GLU B 171 -18.57 -29.89 3.23
N SER B 172 -18.44 -29.16 2.12
CA SER B 172 -17.89 -29.75 0.91
C SER B 172 -16.37 -29.74 0.92
N PRO B 173 -15.71 -30.90 0.88
CA PRO B 173 -14.24 -30.88 0.81
C PRO B 173 -13.71 -30.29 -0.49
N HIS B 174 -14.56 -30.10 -1.49
CA HIS B 174 -14.12 -29.52 -2.76
C HIS B 174 -14.75 -28.16 -3.04
N GLY B 175 -15.34 -27.51 -2.02
CA GLY B 175 -15.95 -26.22 -2.23
C GLY B 175 -17.20 -26.29 -3.09
N PRO B 176 -17.39 -25.31 -3.98
CA PRO B 176 -18.66 -25.16 -4.68
C PRO B 176 -18.79 -26.10 -5.87
N ASP B 177 -20.03 -26.22 -6.34
CA ASP B 177 -20.36 -26.93 -7.57
C ASP B 177 -20.87 -25.95 -8.60
N PRO B 178 -20.86 -26.33 -9.88
CA PRO B 178 -21.34 -25.41 -10.91
C PRO B 178 -22.74 -24.87 -10.64
N ALA B 179 -23.61 -25.65 -10.02
CA ALA B 179 -24.95 -25.16 -9.71
C ALA B 179 -24.91 -23.93 -8.82
N HIS B 180 -23.92 -23.84 -7.92
CA HIS B 180 -23.81 -22.66 -7.06
C HIS B 180 -23.46 -21.43 -7.87
N LEU B 181 -22.56 -21.59 -8.85
CA LEU B 181 -22.22 -20.48 -9.72
C LEU B 181 -23.40 -20.07 -10.56
N GLU B 182 -24.13 -21.05 -11.12
CA GLU B 182 -25.28 -20.75 -11.96
C GLU B 182 -26.35 -19.99 -11.18
N GLU B 183 -26.59 -20.37 -9.92
CA GLU B 183 -27.58 -19.67 -9.13
C GLU B 183 -27.21 -18.19 -8.98
N ALA B 184 -25.94 -17.90 -8.72
CA ALA B 184 -25.50 -16.52 -8.61
C ALA B 184 -25.60 -15.78 -9.92
N TRP B 185 -25.22 -16.43 -11.03
CA TRP B 185 -25.36 -15.82 -12.35
C TRP B 185 -26.81 -15.43 -12.63
N GLN B 186 -27.74 -16.32 -12.28
CA GLN B 186 -29.15 -16.04 -12.54
C GLN B 186 -29.66 -14.87 -11.70
N ARG B 187 -29.10 -14.65 -10.51
CA ARG B 187 -29.45 -13.43 -9.79
C ARG B 187 -28.92 -12.19 -10.49
N CYS B 188 -27.74 -12.26 -11.13
CA CYS B 188 -27.30 -11.13 -11.95
C CYS B 188 -28.28 -10.86 -13.07
N ARG B 189 -28.72 -11.94 -13.74
CA ARG B 189 -29.66 -11.83 -14.84
C ARG B 189 -30.91 -11.07 -14.43
N SER B 190 -31.50 -11.47 -13.31
CA SER B 190 -32.79 -10.91 -12.91
C SER B 190 -32.65 -9.55 -12.24
N GLU B 191 -31.50 -9.23 -11.66
CA GLU B 191 -31.25 -7.90 -11.12
C GLU B 191 -30.80 -6.90 -12.19
N GLY B 192 -30.53 -7.36 -13.40
CA GLY B 192 -30.07 -6.45 -14.44
C GLY B 192 -28.65 -5.94 -14.23
N LEU B 193 -27.78 -6.75 -13.62
CA LEU B 193 -26.41 -6.38 -13.34
C LEU B 193 -25.46 -7.01 -14.34
N ASP B 194 -24.68 -6.18 -15.04
CA ASP B 194 -23.61 -6.67 -15.91
C ASP B 194 -22.47 -7.25 -15.09
N VAL B 195 -22.08 -8.49 -15.39
CA VAL B 195 -21.00 -9.10 -14.62
C VAL B 195 -19.66 -8.55 -15.10
N ALA B 196 -18.85 -8.05 -14.17
CA ALA B 196 -17.57 -7.45 -14.50
C ALA B 196 -16.39 -8.36 -14.20
N CYS B 197 -16.58 -9.32 -13.30
CA CYS B 197 -15.49 -10.16 -12.83
C CYS B 197 -16.09 -11.38 -12.16
N ILE B 198 -15.43 -12.53 -12.28
CA ILE B 198 -15.72 -13.74 -11.49
C ILE B 198 -14.49 -13.98 -10.63
N LEU B 199 -14.65 -13.89 -9.31
CA LEU B 199 -13.53 -14.08 -8.40
C LEU B 199 -13.62 -15.48 -7.80
N ILE B 200 -12.51 -16.20 -7.81
CA ILE B 200 -12.47 -17.55 -7.26
C ILE B 200 -11.26 -17.67 -6.33
N ASN B 201 -11.33 -18.66 -5.42
CA ASN B 201 -10.31 -18.85 -4.39
C ASN B 201 -10.14 -20.36 -4.17
N PRO B 202 -9.42 -21.05 -5.08
CA PRO B 202 -9.51 -22.52 -5.14
C PRO B 202 -8.98 -23.25 -3.92
N GLN B 203 -8.02 -22.69 -3.20
CA GLN B 203 -7.59 -23.22 -1.90
C GLN B 203 -8.19 -22.23 -0.89
N HIS B 204 -9.39 -22.55 -0.41
CA HIS B 204 -10.35 -21.54 0.03
C HIS B 204 -10.16 -21.14 1.49
N ASN B 205 -10.08 -19.83 1.72
CA ASN B 205 -10.19 -19.23 3.04
C ASN B 205 -11.61 -18.71 3.16
N PRO B 206 -12.45 -19.14 4.14
CA PRO B 206 -12.13 -19.89 5.38
C PRO B 206 -12.34 -21.41 5.43
N TRP B 207 -13.02 -21.99 4.46
CA TRP B 207 -13.47 -23.37 4.66
C TRP B 207 -12.38 -24.40 4.40
N GLY B 208 -11.35 -24.08 3.62
CA GLY B 208 -10.31 -25.04 3.33
C GLY B 208 -10.65 -26.06 2.27
N GLY B 209 -11.70 -25.85 1.47
CA GLY B 209 -11.92 -26.73 0.34
C GLY B 209 -10.83 -26.61 -0.71
N ASN B 210 -10.72 -27.64 -1.53
CA ASN B 210 -9.83 -27.67 -2.70
C ASN B 210 -10.73 -27.78 -3.92
N TRP B 211 -10.88 -26.68 -4.65
CA TRP B 211 -11.95 -26.61 -5.66
C TRP B 211 -11.59 -27.43 -6.89
N THR B 212 -12.62 -27.76 -7.69
CA THR B 212 -12.50 -28.85 -8.65
C THR B 212 -12.25 -28.36 -10.07
N PRO B 213 -11.67 -29.21 -10.91
CA PRO B 213 -11.62 -28.89 -12.34
C PRO B 213 -13.02 -28.68 -12.92
N GLU B 214 -14.00 -29.45 -12.44
CA GLU B 214 -15.39 -29.27 -12.85
C GLU B 214 -15.86 -27.84 -12.64
N PHE B 215 -15.65 -27.32 -11.43
CA PHE B 215 -16.08 -25.97 -11.10
C PHE B 215 -15.30 -24.95 -11.92
N LEU B 216 -13.98 -25.17 -12.05
CA LEU B 216 -13.18 -24.23 -12.83
C LEU B 216 -13.60 -24.19 -14.29
N ALA B 217 -14.01 -25.33 -14.84
CA ALA B 217 -14.48 -25.34 -16.22
C ALA B 217 -15.79 -24.56 -16.36
N ALA B 218 -16.66 -24.66 -15.35
CA ALA B 218 -17.89 -23.88 -15.39
C ALA B 218 -17.58 -22.39 -15.33
N VAL B 219 -16.61 -22.01 -14.48
CA VAL B 219 -16.18 -20.62 -14.41
C VAL B 219 -15.64 -20.15 -15.76
N ALA B 220 -14.79 -20.97 -16.38
CA ALA B 220 -14.20 -20.60 -17.67
C ALA B 220 -15.26 -20.46 -18.74
N ALA B 221 -16.26 -21.35 -18.75
CA ALA B 221 -17.30 -21.28 -19.77
C ALA B 221 -18.12 -20.01 -19.63
N LEU B 222 -18.42 -19.62 -18.39
CA LEU B 222 -19.15 -18.38 -18.16
C LEU B 222 -18.29 -17.18 -18.56
N ALA B 223 -17.02 -17.19 -18.14
CA ALA B 223 -16.08 -16.15 -18.53
C ALA B 223 -16.03 -16.00 -20.05
N GLU B 224 -15.90 -17.12 -20.76
CA GLU B 224 -15.75 -17.06 -22.22
C GLU B 224 -17.05 -16.63 -22.89
N ARG B 225 -18.20 -17.06 -22.36
CA ARG B 225 -19.49 -16.73 -22.96
C ARG B 225 -19.79 -15.24 -22.79
N GLU B 226 -19.59 -14.72 -21.59
CA GLU B 226 -19.96 -13.35 -21.27
C GLU B 226 -18.81 -12.36 -21.46
N ARG B 227 -17.61 -12.85 -21.82
CA ARG B 227 -16.40 -12.01 -21.95
C ARG B 227 -16.07 -11.29 -20.64
N VAL B 228 -15.96 -12.06 -19.57
CA VAL B 228 -15.79 -11.56 -18.21
C VAL B 228 -14.50 -12.14 -17.67
N PRO B 229 -13.56 -11.33 -17.17
CA PRO B 229 -12.31 -11.89 -16.62
C PRO B 229 -12.54 -12.66 -15.33
N VAL B 230 -11.69 -13.65 -15.12
CA VAL B 230 -11.63 -14.44 -13.90
C VAL B 230 -10.49 -13.90 -13.05
N LEU B 231 -10.75 -13.66 -11.78
CA LEU B 231 -9.70 -13.25 -10.84
C LEU B 231 -9.49 -14.39 -9.86
N VAL B 232 -8.26 -14.93 -9.84
CA VAL B 232 -7.90 -16.08 -9.00
C VAL B 232 -7.10 -15.55 -7.81
N ASP B 233 -7.55 -15.88 -6.60
CA ASP B 233 -6.79 -15.64 -5.38
C ASP B 233 -6.13 -16.96 -4.99
N ASN B 234 -4.79 -17.01 -5.07
CA ASN B 234 -4.03 -18.22 -4.81
C ASN B 234 -3.22 -18.14 -3.52
N ALA B 235 -3.71 -17.39 -2.52
CA ALA B 235 -2.92 -17.16 -1.31
C ALA B 235 -2.47 -18.46 -0.65
N PHE B 236 -3.31 -19.49 -0.68
CA PHE B 236 -3.01 -20.74 0.00
C PHE B 236 -2.69 -21.87 -0.96
N TYR B 237 -2.41 -21.56 -2.23
CA TYR B 237 -2.10 -22.60 -3.20
C TYR B 237 -1.01 -23.53 -2.68
N GLY B 238 0.02 -22.96 -2.07
CA GLY B 238 1.15 -23.74 -1.59
C GLY B 238 1.02 -24.28 -0.19
N LEU B 239 -0.16 -24.16 0.44
CA LEU B 239 -0.33 -24.54 1.84
C LEU B 239 -1.43 -25.59 2.02
N THR B 240 -1.60 -26.47 1.04
CA THR B 240 -2.50 -27.60 1.23
C THR B 240 -1.89 -28.60 2.20
N ALA B 241 -2.75 -29.48 2.72
CA ALA B 241 -2.30 -30.63 3.48
C ALA B 241 -1.37 -31.50 2.63
N GLU B 242 -0.52 -32.27 3.33
CA GLU B 242 0.46 -33.12 2.63
C GLU B 242 -0.19 -34.06 1.63
N ASP B 243 -1.40 -34.56 1.94
CA ASP B 243 -2.06 -35.51 1.05
C ASP B 243 -3.05 -34.87 0.09
N VAL B 244 -2.95 -33.56 -0.12
CA VAL B 244 -3.86 -32.84 -1.01
C VAL B 244 -3.04 -32.09 -2.05
N ARG B 245 -3.20 -32.47 -3.32
CA ARG B 245 -2.57 -31.77 -4.42
C ARG B 245 -3.46 -30.59 -4.83
N PRO B 246 -2.99 -29.35 -4.73
CA PRO B 246 -3.87 -28.22 -5.04
C PRO B 246 -4.29 -28.21 -6.51
N THR B 247 -5.56 -27.91 -6.74
CA THR B 247 -6.00 -27.58 -8.08
C THR B 247 -5.38 -26.25 -8.51
N SER B 248 -4.76 -26.24 -9.69
CA SER B 248 -4.08 -25.05 -10.21
C SER B 248 -4.99 -24.37 -11.21
N ALA B 249 -5.69 -23.31 -10.77
CA ALA B 249 -6.62 -22.63 -11.66
C ALA B 249 -5.90 -21.99 -12.84
N VAL B 250 -4.69 -21.47 -12.64
CA VAL B 250 -4.01 -20.82 -13.76
C VAL B 250 -3.65 -21.83 -14.84
N ARG B 251 -3.23 -23.04 -14.43
CA ARG B 251 -3.01 -24.11 -15.40
C ARG B 251 -4.30 -24.44 -16.14
N LEU B 252 -5.39 -24.65 -15.41
CA LEU B 252 -6.62 -25.14 -16.04
C LEU B 252 -7.31 -24.06 -16.85
N LEU B 253 -7.05 -22.79 -16.55
CA LEU B 253 -7.63 -21.64 -17.23
C LEU B 253 -6.62 -20.95 -18.16
N GLY B 254 -5.53 -21.66 -18.53
CA GLY B 254 -4.48 -21.05 -19.32
C GLY B 254 -4.94 -20.44 -20.64
N HIS B 255 -6.02 -20.98 -21.22
CA HIS B 255 -6.51 -20.42 -22.46
C HIS B 255 -7.13 -19.03 -22.29
N LEU B 256 -7.50 -18.64 -21.06
CA LEU B 256 -8.05 -17.31 -20.85
C LEU B 256 -6.97 -16.21 -20.82
N VAL B 257 -5.70 -16.59 -20.67
CA VAL B 257 -4.64 -15.59 -20.60
C VAL B 257 -4.61 -14.75 -21.87
N GLY B 258 -4.49 -15.41 -23.02
CA GLY B 258 -4.42 -14.69 -24.28
C GLY B 258 -5.71 -14.01 -24.70
N GLN B 259 -6.83 -14.31 -24.04
CA GLN B 259 -8.11 -13.66 -24.32
C GLN B 259 -8.36 -12.45 -23.43
N GLU B 260 -7.37 -12.03 -22.65
CA GLU B 260 -7.54 -10.97 -21.65
C GLU B 260 -8.66 -11.28 -20.67
N LEU B 261 -8.73 -12.54 -20.22
CA LEU B 261 -9.75 -12.97 -19.28
C LEU B 261 -9.21 -13.63 -18.02
N LEU B 262 -7.93 -13.43 -17.67
CA LEU B 262 -7.44 -14.09 -16.46
C LEU B 262 -6.39 -13.24 -15.76
N VAL B 263 -6.57 -13.06 -14.46
CA VAL B 263 -5.54 -12.50 -13.59
C VAL B 263 -5.57 -13.28 -12.29
N SER B 264 -4.39 -13.67 -11.79
CA SER B 264 -4.27 -14.28 -10.49
C SER B 264 -3.47 -13.37 -9.58
N VAL B 265 -3.77 -13.43 -8.29
CA VAL B 265 -2.97 -12.76 -7.27
C VAL B 265 -2.53 -13.83 -6.28
N ARG B 266 -1.29 -13.74 -5.82
CA ARG B 266 -0.76 -14.73 -4.87
C ARG B 266 0.16 -14.01 -3.89
N SER B 267 -0.27 -13.93 -2.64
CA SER B 267 0.60 -13.39 -1.61
C SER B 267 1.79 -14.32 -1.38
N LEU B 268 2.95 -13.71 -1.17
CA LEU B 268 4.12 -14.44 -0.74
C LEU B 268 4.25 -14.40 0.77
N SER B 269 3.84 -13.29 1.35
N SER B 269 3.84 -13.27 1.35
CA SER B 269 4.07 -13.03 2.76
CA SER B 269 4.01 -12.98 2.76
C SER B 269 3.24 -13.96 3.67
C SER B 269 3.25 -13.95 3.65
N GLN B 271 2.39 -17.48 2.77
CA GLN B 271 3.10 -18.76 2.72
C GLN B 271 4.45 -18.71 3.42
N PHE B 272 5.13 -17.56 3.31
CA PHE B 272 6.50 -17.45 3.78
C PHE B 272 6.63 -16.59 5.03
N ALA B 273 5.53 -16.42 5.77
CA ALA B 273 5.59 -15.94 7.16
C ALA B 273 6.29 -14.59 7.24
N CYS B 274 5.90 -13.67 6.37
CA CYS B 274 6.42 -12.31 6.40
C CYS B 274 5.33 -11.33 6.02
N SER B 275 4.18 -11.48 6.68
CA SER B 275 3.00 -10.70 6.34
C SER B 275 3.27 -9.21 6.39
N GLY B 276 4.14 -8.76 7.29
CA GLY B 276 4.48 -7.35 7.36
C GLY B 276 5.12 -6.79 6.09
N TRP B 277 5.72 -7.66 5.25
CA TRP B 277 6.39 -7.18 4.05
C TRP B 277 5.42 -6.97 2.89
N ALA B 278 4.22 -7.54 2.99
CA ALA B 278 3.12 -7.35 2.04
C ALA B 278 3.57 -7.52 0.59
N LEU B 279 4.29 -8.61 0.32
CA LEU B 279 4.77 -8.94 -1.02
C LEU B 279 3.91 -10.02 -1.66
N GLY B 280 3.66 -9.85 -2.95
CA GLY B 280 2.81 -10.77 -3.68
C GLY B 280 3.07 -10.67 -5.16
N ALA B 281 2.40 -11.54 -5.91
CA ALA B 281 2.52 -11.57 -7.36
C ALA B 281 1.15 -11.42 -8.00
N VAL B 282 1.09 -10.61 -9.05
CA VAL B 282 -0.09 -10.44 -9.89
C VAL B 282 0.28 -10.94 -11.29
N ALA B 283 -0.48 -11.90 -11.82
CA ALA B 283 -0.02 -12.55 -13.04
C ALA B 283 -1.18 -12.85 -13.97
N GLY B 284 -0.89 -12.87 -15.28
CA GLY B 284 -1.91 -13.34 -16.19
C GLY B 284 -1.95 -12.59 -17.51
N SER B 285 -3.16 -12.31 -18.02
CA SER B 285 -3.30 -11.64 -19.30
C SER B 285 -2.44 -10.38 -19.33
N PRO B 286 -1.63 -10.19 -20.37
CA PRO B 286 -0.69 -9.04 -20.35
C PRO B 286 -1.37 -7.68 -20.40
N GLY B 287 -2.49 -7.52 -21.09
CA GLY B 287 -3.18 -6.24 -21.06
C GLY B 287 -3.69 -5.91 -19.67
N LEU B 288 -4.39 -6.85 -19.04
CA LEU B 288 -4.89 -6.65 -17.69
C LEU B 288 -3.77 -6.34 -16.72
N VAL B 289 -2.65 -7.08 -16.80
CA VAL B 289 -1.60 -6.92 -15.80
C VAL B 289 -0.80 -5.63 -16.04
N SER B 290 -0.60 -5.24 -17.31
CA SER B 290 0.13 -4.00 -17.56
C SER B 290 -0.71 -2.79 -17.19
N ALA B 291 -2.01 -2.84 -17.48
CA ALA B 291 -2.91 -1.77 -17.06
C ALA B 291 -2.97 -1.69 -15.53
N TYR B 292 -3.13 -2.84 -14.87
CA TYR B 292 -3.09 -2.88 -13.40
C TYR B 292 -1.83 -2.20 -12.87
N SER B 293 -0.66 -2.61 -13.39
CA SER B 293 0.60 -2.26 -12.76
C SER B 293 0.88 -0.75 -12.80
N GLY B 294 0.60 -0.12 -13.95
CA GLY B 294 0.90 1.29 -14.11
C GLY B 294 -0.31 2.15 -13.78
N ARG B 295 -1.27 2.19 -14.73
CA ARG B 295 -2.44 3.05 -14.61
C ARG B 295 -3.21 2.86 -13.30
N TRP B 296 -3.42 1.61 -12.86
CA TRP B 296 -4.34 1.38 -11.75
C TRP B 296 -3.63 1.06 -10.43
N ARG B 297 -2.31 1.16 -10.39
CA ARG B 297 -1.61 0.98 -9.13
C ARG B 297 -0.54 2.05 -8.91
N CYS B 298 0.31 2.32 -9.90
CA CYS B 298 1.44 3.21 -9.68
C CYS B 298 1.04 4.69 -9.71
N LEU B 299 -0.15 5.05 -10.17
CA LEU B 299 -0.58 6.43 -9.98
C LEU B 299 -1.07 6.65 -8.57
N ARG B 300 -1.47 5.59 -7.89
CA ARG B 300 -2.01 5.66 -6.54
C ARG B 300 -0.93 5.47 -5.49
N GLU B 301 -0.02 4.52 -5.68
CA GLU B 301 0.98 4.27 -4.65
C GLU B 301 2.39 4.37 -5.22
N PRO B 302 3.36 4.62 -4.34
CA PRO B 302 4.74 4.75 -4.79
C PRO B 302 5.34 3.38 -5.11
N THR B 303 6.44 3.41 -5.87
CA THR B 303 7.18 2.19 -6.18
C THR B 303 8.06 1.82 -4.99
N ALA B 304 7.39 1.39 -3.93
CA ALA B 304 7.99 1.17 -2.63
C ALA B 304 8.50 -0.26 -2.50
N GLY B 305 9.12 -0.55 -1.37
CA GLY B 305 9.52 -1.91 -1.06
C GLY B 305 10.79 -2.39 -1.70
N PHE B 306 11.66 -1.48 -2.16
CA PHE B 306 12.92 -1.88 -2.79
C PHE B 306 13.66 -2.94 -1.96
N ARG B 307 13.96 -2.66 -0.69
CA ARG B 307 14.76 -3.58 0.12
C ARG B 307 14.06 -4.91 0.32
N ALA B 308 12.77 -4.86 0.66
CA ALA B 308 12.04 -6.10 0.90
C ALA B 308 11.99 -6.95 -0.36
N GLN B 309 11.79 -6.32 -1.51
CA GLN B 309 11.75 -7.06 -2.76
C GLN B 309 13.10 -7.70 -3.07
N ALA B 310 14.20 -6.97 -2.81
CA ALA B 310 15.54 -7.48 -3.11
C ALA B 310 15.88 -8.64 -2.18
N ALA B 311 15.55 -8.49 -0.91
CA ALA B 311 15.75 -9.55 0.06
C ALA B 311 14.93 -10.78 -0.32
N MET B 312 13.65 -10.58 -0.70
CA MET B 312 12.84 -11.73 -1.08
C MET B 312 13.33 -12.36 -2.40
N ALA B 313 13.85 -11.57 -3.34
CA ALA B 313 14.39 -12.19 -4.56
C ALA B 313 15.55 -13.12 -4.23
N ALA B 314 16.45 -12.68 -3.36
CA ALA B 314 17.57 -13.50 -2.94
C ALA B 314 17.09 -14.72 -2.15
N TRP B 315 16.17 -14.50 -1.21
CA TRP B 315 15.71 -15.62 -0.37
C TRP B 315 14.93 -16.64 -1.20
N LEU B 316 14.00 -16.15 -2.04
CA LEU B 316 13.15 -17.03 -2.83
C LEU B 316 13.92 -17.80 -3.88
N GLY B 317 15.03 -17.25 -4.35
CA GLY B 317 15.84 -17.98 -5.31
C GLY B 317 16.68 -19.10 -4.72
N GLY B 318 16.67 -19.27 -3.40
CA GLY B 318 17.53 -20.20 -2.71
C GLY B 318 16.80 -21.45 -2.25
N ALA B 319 17.39 -22.11 -1.26
CA ALA B 319 16.92 -23.42 -0.81
C ALA B 319 15.93 -23.37 0.34
N GLU B 320 15.87 -22.28 1.08
CA GLU B 320 14.99 -22.25 2.24
C GLU B 320 13.50 -22.21 1.90
N PRO B 321 13.07 -21.64 0.76
CA PRO B 321 11.61 -21.66 0.50
C PRO B 321 11.01 -23.05 0.46
N GLU B 322 11.64 -23.99 -0.24
CA GLU B 322 11.11 -25.35 -0.31
C GLU B 322 11.09 -26.01 1.06
N ARG B 323 12.15 -25.80 1.86
CA ARG B 323 12.20 -26.36 3.20
C ARG B 323 11.10 -25.80 4.08
N PHE B 324 10.85 -24.49 3.98
CA PHE B 324 9.82 -23.88 4.82
C PHE B 324 8.43 -24.31 4.38
N THR B 325 8.18 -24.35 3.07
CA THR B 325 6.89 -24.82 2.58
C THR B 325 6.62 -26.25 3.05
N ARG B 326 7.61 -27.15 2.90
CA ARG B 326 7.41 -28.52 3.34
C ARG B 326 7.15 -28.58 4.84
N ARG B 327 7.84 -27.73 5.60
CA ARG B 327 7.57 -27.64 7.04
C ARG B 327 6.15 -27.18 7.30
N ARG B 328 5.70 -26.11 6.63
CA ARG B 328 4.36 -25.61 6.87
C ARG B 328 3.29 -26.63 6.50
N ARG B 329 3.51 -27.37 5.40
CA ARG B 329 2.49 -28.35 5.02
C ARG B 329 2.49 -29.52 5.98
N SER B 330 3.66 -29.89 6.49
CA SER B 330 3.68 -30.99 7.46
C SER B 330 3.02 -30.55 8.78
N GLU B 331 3.27 -29.30 9.20
CA GLU B 331 2.59 -28.78 10.39
C GLU B 331 1.07 -28.71 10.19
N ALA B 332 0.61 -28.22 9.05
CA ALA B 332 -0.84 -28.10 8.84
C ALA B 332 -1.50 -29.47 8.92
N THR B 333 -0.84 -30.48 8.37
CA THR B 333 -1.35 -31.86 8.45
C THR B 333 -1.34 -32.38 9.88
N ARG B 334 -0.19 -32.28 10.57
CA ARG B 334 -0.10 -32.73 11.96
C ARG B 334 -1.04 -31.98 12.87
N HIS B 335 -1.19 -30.66 12.66
CA HIS B 335 -2.05 -29.88 13.53
C HIS B 335 -3.52 -30.21 13.31
N ALA B 336 -3.91 -30.44 12.06
CA ALA B 336 -5.26 -30.93 11.81
C ALA B 336 -5.51 -32.23 12.59
N ARG B 337 -4.57 -33.18 12.52
CA ARG B 337 -4.76 -34.45 13.22
C ARG B 337 -4.80 -34.25 14.73
N LEU B 338 -3.91 -33.40 15.26
CA LEU B 338 -3.88 -33.16 16.71
C LEU B 338 -5.15 -32.46 17.18
N LEU B 339 -5.65 -31.52 16.39
CA LEU B 339 -6.92 -30.89 16.75
C LEU B 339 -8.04 -31.92 16.78
N ARG B 340 -8.10 -32.79 15.78
CA ARG B 340 -9.19 -33.77 15.73
C ARG B 340 -9.17 -34.68 16.95
N THR B 341 -8.02 -35.25 17.28
CA THR B 341 -7.96 -36.13 18.44
C THR B 341 -8.16 -35.38 19.75
N THR B 342 -7.64 -34.14 19.83
CA THR B 342 -7.85 -33.33 21.03
C THR B 342 -9.32 -33.05 21.26
N LEU B 343 -10.05 -32.73 20.19
CA LEU B 343 -11.46 -32.41 20.34
C LEU B 343 -12.28 -33.68 20.57
N ARG B 344 -11.84 -34.80 20.01
CA ARG B 344 -12.51 -36.06 20.32
C ARG B 344 -12.37 -36.41 21.80
N ALA B 345 -11.19 -36.20 22.38
CA ALA B 345 -10.99 -36.43 23.81
C ALA B 345 -11.79 -35.47 24.66
N ALA B 346 -12.13 -34.28 24.14
CA ALA B 346 -12.93 -33.30 24.84
C ALA B 346 -14.42 -33.60 24.79
N GLY B 347 -14.85 -34.56 23.98
CA GLY B 347 -16.24 -34.94 23.88
C GLY B 347 -16.99 -34.48 22.65
N LEU B 348 -16.30 -33.91 21.66
CA LEU B 348 -17.01 -33.51 20.44
C LEU B 348 -17.31 -34.74 19.59
N PRO B 349 -18.45 -34.77 18.91
CA PRO B 349 -18.68 -35.83 17.93
C PRO B 349 -17.78 -35.62 16.73
N ASP B 350 -17.42 -36.74 16.09
CA ASP B 350 -16.56 -36.69 14.90
C ASP B 350 -17.12 -35.73 13.85
N ASP B 351 -18.44 -35.73 13.65
CA ASP B 351 -19.02 -34.94 12.57
C ASP B 351 -19.08 -33.44 12.86
N ALA B 352 -18.70 -33.00 14.07
CA ALA B 352 -18.61 -31.59 14.38
C ALA B 352 -17.24 -31.00 14.06
N VAL B 353 -16.32 -31.80 13.54
CA VAL B 353 -14.95 -31.38 13.25
C VAL B 353 -14.65 -31.71 11.79
N LEU B 354 -14.47 -30.68 10.97
CA LEU B 354 -14.22 -30.87 9.55
C LEU B 354 -12.86 -30.29 9.17
N HIS B 355 -12.10 -31.05 8.38
CA HIS B 355 -10.86 -30.53 7.81
C HIS B 355 -10.72 -31.12 6.42
N HIS B 356 -10.70 -30.25 5.41
CA HIS B 356 -10.67 -30.68 4.02
C HIS B 356 -9.29 -30.71 3.42
N GLY B 357 -8.32 -30.02 4.01
CA GLY B 357 -6.95 -30.09 3.51
C GLY B 357 -6.61 -29.18 2.36
N GLY B 358 -7.56 -28.40 1.83
CA GLY B 358 -7.23 -27.45 0.77
C GLY B 358 -6.55 -26.20 1.27
N ALA B 359 -6.73 -25.86 2.55
CA ALA B 359 -6.00 -24.77 3.21
C ALA B 359 -5.97 -25.10 4.69
N PRO B 360 -5.05 -24.49 5.46
CA PRO B 360 -4.93 -24.98 6.85
C PRO B 360 -5.98 -24.43 7.82
N PHE B 361 -7.22 -24.89 7.63
CA PHE B 361 -8.32 -24.52 8.51
C PHE B 361 -9.11 -25.76 8.91
N THR B 362 -9.46 -25.83 10.19
CA THR B 362 -10.40 -26.83 10.68
C THR B 362 -11.68 -26.10 11.08
N LEU B 363 -12.81 -26.70 10.77
CA LEU B 363 -14.12 -26.11 11.03
C LEU B 363 -14.77 -26.88 12.17
N LEU B 364 -15.27 -26.16 13.17
CA LEU B 364 -15.95 -26.74 14.33
C LEU B 364 -17.39 -26.28 14.36
N ARG B 365 -18.30 -27.22 14.56
CA ARG B 365 -19.68 -26.86 14.82
C ARG B 365 -19.82 -26.47 16.29
N PRO B 366 -20.26 -25.25 16.60
CA PRO B 366 -20.34 -24.82 18.01
C PRO B 366 -21.38 -25.65 18.75
N PRO B 367 -21.30 -25.69 20.08
CA PRO B 367 -22.25 -26.50 20.84
C PRO B 367 -23.67 -25.99 20.65
N GLY B 368 -24.61 -26.93 20.57
CA GLY B 368 -25.99 -26.55 20.31
C GLY B 368 -26.55 -25.67 21.41
N GLY B 369 -27.34 -24.66 21.01
CA GLY B 369 -28.14 -23.90 21.93
C GLY B 369 -27.47 -22.75 22.64
N SER B 370 -26.16 -22.60 22.53
CA SER B 370 -25.53 -21.44 23.16
C SER B 370 -25.33 -20.34 22.13
N THR B 371 -25.29 -19.11 22.61
CA THR B 371 -25.02 -17.98 21.71
C THR B 371 -23.56 -18.07 21.28
N VAL B 372 -23.32 -18.19 19.97
N VAL B 372 -23.32 -18.17 19.98
CA VAL B 372 -21.97 -18.54 19.50
CA VAL B 372 -21.99 -18.54 19.51
C VAL B 372 -20.98 -17.43 19.83
C VAL B 372 -20.98 -17.43 19.81
N GLU B 373 -21.40 -16.17 19.73
CA GLU B 373 -20.51 -15.07 20.08
C GLU B 373 -20.13 -15.11 21.57
N GLU B 374 -21.03 -15.61 22.41
CA GLU B 374 -20.71 -15.75 23.83
C GLU B 374 -19.73 -16.89 24.06
N VAL B 375 -19.99 -18.05 23.44
CA VAL B 375 -19.03 -19.15 23.50
C VAL B 375 -17.66 -18.66 23.04
N ARG B 376 -17.64 -17.88 21.96
CA ARG B 376 -16.38 -17.39 21.41
C ARG B 376 -15.62 -16.57 22.43
N GLU B 377 -16.29 -15.61 23.07
CA GLU B 377 -15.64 -14.77 24.06
C GLU B 377 -15.20 -15.57 25.29
N GLN B 378 -16.08 -16.44 25.79
CA GLN B 378 -15.77 -17.23 26.98
C GLN B 378 -14.58 -18.15 26.73
N THR B 379 -14.38 -18.62 25.50
CA THR B 379 -13.20 -19.41 25.19
C THR B 379 -11.92 -18.60 25.41
N VAL B 380 -11.92 -17.32 25.02
CA VAL B 380 -10.77 -16.45 25.30
C VAL B 380 -10.62 -16.20 26.80
N VAL B 381 -11.74 -15.82 27.45
CA VAL B 381 -11.69 -15.42 28.86
C VAL B 381 -11.21 -16.57 29.73
N ARG B 382 -11.65 -17.79 29.43
CA ARG B 382 -11.39 -18.90 30.34
C ARG B 382 -10.14 -19.68 29.94
N HIS B 383 -9.82 -19.73 28.65
CA HIS B 383 -8.73 -20.58 28.20
C HIS B 383 -7.79 -19.91 27.20
N GLY B 384 -8.08 -18.69 26.76
CA GLY B 384 -7.12 -17.94 25.97
C GLY B 384 -7.18 -18.16 24.47
N VAL B 385 -8.03 -19.07 23.97
CA VAL B 385 -8.03 -19.40 22.55
C VAL B 385 -9.06 -18.55 21.82
N LEU B 386 -8.63 -17.82 20.78
CA LEU B 386 -9.55 -17.05 19.94
C LEU B 386 -9.73 -17.76 18.61
N LEU B 387 -10.96 -18.17 18.32
CA LEU B 387 -11.30 -18.79 17.05
C LEU B 387 -12.03 -17.82 16.16
N GLY B 388 -12.02 -18.11 14.86
CA GLY B 388 -12.85 -17.35 13.95
C GLY B 388 -14.29 -17.83 13.99
N LEU B 389 -15.18 -16.95 13.53
CA LEU B 389 -16.61 -17.26 13.42
C LEU B 389 -17.04 -16.99 11.98
N GLU B 390 -17.60 -18.01 11.32
CA GLU B 390 -18.18 -17.89 9.98
C GLU B 390 -19.59 -18.46 10.01
N ARG B 391 -20.36 -18.20 8.96
CA ARG B 391 -21.69 -18.80 8.84
C ARG B 391 -21.92 -19.32 7.43
N ASP B 392 -22.76 -20.34 7.32
CA ASP B 392 -23.10 -20.93 6.02
C ASP B 392 -24.26 -20.16 5.39
N ALA B 393 -24.81 -20.70 4.30
CA ALA B 393 -25.79 -19.95 3.52
C ALA B 393 -27.10 -19.75 4.29
N ARG B 394 -27.39 -20.63 5.24
CA ARG B 394 -28.58 -20.49 6.08
C ARG B 394 -28.24 -19.92 7.44
N GLU B 395 -27.10 -19.24 7.55
CA GLU B 395 -26.61 -18.56 8.76
C GLU B 395 -26.25 -19.53 9.88
N ARG B 396 -26.08 -20.81 9.59
CA ARG B 396 -25.59 -21.74 10.63
C ARG B 396 -24.14 -21.40 10.94
N PRO B 397 -23.77 -21.27 12.20
CA PRO B 397 -22.42 -20.83 12.56
C PRO B 397 -21.41 -21.96 12.61
N TRP B 398 -20.17 -21.62 12.23
CA TRP B 398 -19.03 -22.52 12.32
C TRP B 398 -17.86 -21.76 12.94
N PHE B 399 -17.12 -22.41 13.82
CA PHE B 399 -15.83 -21.85 14.25
C PHE B 399 -14.78 -22.22 13.22
N LYS B 400 -13.90 -21.27 12.92
CA LYS B 400 -12.78 -21.49 12.01
C LYS B 400 -11.50 -21.52 12.84
N VAL B 401 -10.74 -22.59 12.73
CA VAL B 401 -9.50 -22.75 13.47
C VAL B 401 -8.34 -22.74 12.48
N TRP B 402 -7.52 -21.69 12.54
CA TRP B 402 -6.30 -21.61 11.74
C TRP B 402 -5.28 -22.59 12.28
N LEU B 403 -4.70 -23.38 11.38
CA LEU B 403 -3.76 -24.43 11.76
C LEU B 403 -2.32 -24.04 11.46
N GLY B 404 -2.09 -22.99 10.69
CA GLY B 404 -0.76 -22.72 10.15
C GLY B 404 0.17 -21.95 11.05
N ARG B 405 0.10 -22.17 12.36
CA ARG B 405 1.09 -21.65 13.31
C ARG B 405 2.22 -22.65 13.48
N ASP B 406 3.36 -22.15 13.94
CA ASP B 406 4.42 -23.07 14.33
C ASP B 406 3.90 -24.00 15.43
N SER B 407 4.42 -25.24 15.44
CA SER B 407 4.03 -26.19 16.48
C SER B 407 4.31 -25.65 17.87
N SER B 408 5.30 -24.76 18.02
CA SER B 408 5.61 -24.22 19.35
C SER B 408 4.41 -23.46 19.94
N VAL B 409 3.58 -22.87 19.09
CA VAL B 409 2.35 -22.22 19.52
C VAL B 409 1.14 -23.14 19.38
N PHE B 410 1.08 -23.94 18.32
CA PHE B 410 -0.15 -24.69 18.09
C PHE B 410 -0.32 -25.82 19.11
N GLU B 411 0.77 -26.44 19.55
CA GLU B 411 0.61 -27.52 20.54
C GLU B 411 -0.03 -27.02 21.84
N PRO B 412 0.42 -25.93 22.46
CA PRO B 412 -0.31 -25.46 23.66
C PRO B 412 -1.68 -24.89 23.32
N ALA B 413 -1.85 -24.30 22.14
CA ALA B 413 -3.16 -23.77 21.77
C ALA B 413 -4.18 -24.89 21.65
N ALA B 414 -3.77 -26.00 21.04
CA ALA B 414 -4.65 -27.15 20.90
C ALA B 414 -5.03 -27.69 22.27
N ARG B 415 -4.06 -27.82 23.17
CA ARG B 415 -4.36 -28.32 24.51
C ARG B 415 -5.36 -27.40 25.21
N ALA B 416 -5.17 -26.09 25.10
CA ALA B 416 -6.07 -25.13 25.72
C ALA B 416 -7.47 -25.21 25.12
N LEU B 417 -7.55 -25.37 23.80
CA LEU B 417 -8.87 -25.52 23.18
C LEU B 417 -9.53 -26.82 23.61
N GLY B 418 -8.75 -27.88 23.83
CA GLY B 418 -9.31 -29.10 24.40
C GLY B 418 -9.89 -28.86 25.78
N ASP B 419 -9.17 -28.12 26.63
CA ASP B 419 -9.72 -27.72 27.93
C ASP B 419 -11.04 -26.97 27.77
N ALA B 420 -11.08 -26.02 26.83
CA ALA B 420 -12.29 -25.22 26.66
C ALA B 420 -13.45 -26.06 26.14
N ALA B 421 -13.17 -26.93 25.17
CA ALA B 421 -14.24 -27.66 24.51
C ALA B 421 -14.86 -28.70 25.43
N ALA B 422 -14.15 -29.12 26.47
CA ALA B 422 -14.74 -30.01 27.46
C ALA B 422 -15.89 -29.34 28.20
N GLU B 423 -15.96 -28.01 28.19
CA GLU B 423 -17.06 -27.27 28.79
C GLU B 423 -18.23 -27.09 27.83
N TRP B 424 -18.07 -27.51 26.57
CA TRP B 424 -19.11 -27.40 25.56
C TRP B 424 -20.02 -28.62 25.62
N ARG B 425 -21.33 -28.39 25.45
CA ARG B 425 -22.30 -29.47 25.55
C ARG B 425 -22.72 -29.95 24.16
N TYR B 426 -22.43 -31.22 23.87
CA TYR B 426 -22.90 -31.86 22.63
C TYR B 426 -23.88 -32.99 22.98
N ARG B 427 -25.10 -32.87 22.47
CA ARG B 427 -26.19 -33.80 22.73
C ARG B 427 -26.40 -34.80 21.60
#